data_1VDK
#
_entry.id   1VDK
#
_cell.length_a   125.336
_cell.length_b   140.122
_cell.length_c   135.372
_cell.angle_alpha   90.00
_cell.angle_beta   90.00
_cell.angle_gamma   90.00
#
_symmetry.space_group_name_H-M   'C 2 2 21'
#
loop_
_entity.id
_entity.type
_entity.pdbx_description
1 polymer 'Fumarate hydratase class II'
2 water water
#
_entity_poly.entity_id   1
_entity_poly.type   'polypeptide(L)'
_entity_poly.pdbx_seq_one_letter_code
;MEYRIERDTMGEVRVPADKYWGAQTQRSLENFRIGTDRFRMPLEIIRAYGMLKKAAARANLELGELPEEIAKAIIQAAEE
VVQGKWDDHFPLVVFQTGSGTQTNMNVNEVIANRASEILGKPLGSKYAHPNDHVNRGQSSNDTFPTAMYVAVALALHQRL
YPAVEGLIRTFTAKAQAFDQIVKVGRTHLMDAVPITLGQEIGSWAAQLKTTLAAVKEMEKGLYNLAIGGTAVGTGLNAHP
RFGELVAKYLAEETGLPFRVAENRFAALAAHDELVNVMGAIRTLAGALMKIGNDVRWLASGPYAGIGEITIPANEPGSSI
MPGKVNPTQVEALTMVVVRVYGNDHTVAFAGSQGNFQLNVYKPVMAYSTLESINLLADAVASFDAHLAQGIEPNLERIEE
YLQKNPMLATALNKAIGYDKAAEIVKKALKEKKTLKQAALELGYLTEEEFDRIVVPMRLAKPHEGA
;
_entity_poly.pdbx_strand_id   A,B
#
# COMPACT_ATOMS: atom_id res chain seq x y z
N ARG A 4 44.60 19.16 4.57
CA ARG A 4 45.26 19.32 3.24
C ARG A 4 44.43 20.25 2.35
N ILE A 5 45.11 21.02 1.51
CA ILE A 5 44.42 21.93 0.62
C ILE A 5 44.14 21.22 -0.72
N GLU A 6 42.89 21.24 -1.13
CA GLU A 6 42.48 20.62 -2.40
C GLU A 6 41.78 21.71 -3.20
N ARG A 7 41.76 21.56 -4.52
CA ARG A 7 41.12 22.56 -5.36
C ARG A 7 40.31 21.99 -6.52
N ASP A 8 39.35 22.78 -6.96
CA ASP A 8 38.52 22.44 -8.11
C ASP A 8 38.35 23.75 -8.87
N THR A 9 37.60 23.74 -9.97
CA THR A 9 37.43 24.94 -10.76
C THR A 9 36.86 26.13 -9.99
N MET A 10 36.23 25.87 -8.85
CA MET A 10 35.63 26.93 -8.06
C MET A 10 36.62 27.55 -7.06
N GLY A 11 37.67 26.80 -6.72
CA GLY A 11 38.65 27.33 -5.79
C GLY A 11 39.27 26.27 -4.88
N GLU A 12 39.95 26.73 -3.85
CA GLU A 12 40.59 25.83 -2.89
C GLU A 12 39.79 25.67 -1.61
N VAL A 13 39.85 24.48 -1.03
CA VAL A 13 39.14 24.16 0.20
C VAL A 13 40.00 23.25 1.07
N ARG A 14 39.67 23.18 2.35
CA ARG A 14 40.40 22.35 3.30
C ARG A 14 39.71 21.00 3.49
N VAL A 15 40.48 19.93 3.44
CA VAL A 15 39.97 18.58 3.64
C VAL A 15 40.86 17.91 4.69
N PRO A 16 40.31 16.93 5.42
CA PRO A 16 41.09 16.23 6.44
C PRO A 16 42.38 15.67 5.85
N ALA A 17 43.49 15.94 6.51
CA ALA A 17 44.80 15.47 6.04
C ALA A 17 44.91 13.96 5.94
N ASP A 18 44.09 13.23 6.71
CA ASP A 18 44.14 11.77 6.68
C ASP A 18 43.14 11.15 5.71
N LYS A 19 42.38 11.98 5.00
CA LYS A 19 41.40 11.48 4.04
C LYS A 19 41.90 11.71 2.61
N TYR A 20 41.53 10.82 1.70
CA TYR A 20 41.98 10.92 0.32
C TYR A 20 41.05 11.61 -0.67
N TRP A 21 39.90 12.11 -0.20
CA TRP A 21 38.99 12.78 -1.11
C TRP A 21 39.46 14.20 -1.46
N GLY A 22 38.77 14.85 -2.39
CA GLY A 22 39.15 16.19 -2.80
C GLY A 22 38.16 17.31 -2.52
N ALA A 23 38.30 18.39 -3.29
CA ALA A 23 37.46 19.57 -3.13
C ALA A 23 35.97 19.38 -3.36
N GLN A 24 35.58 18.70 -4.43
CA GLN A 24 34.18 18.53 -4.71
C GLN A 24 33.49 17.62 -3.71
N THR A 25 34.25 16.69 -3.12
CA THR A 25 33.69 15.81 -2.11
C THR A 25 33.43 16.65 -0.87
N GLN A 26 34.41 17.49 -0.52
CA GLN A 26 34.29 18.35 0.65
C GLN A 26 33.10 19.31 0.54
N ARG A 27 32.91 19.89 -0.63
CA ARG A 27 31.78 20.80 -0.82
C ARG A 27 30.47 20.06 -0.62
N SER A 28 30.35 18.88 -1.22
CA SER A 28 29.14 18.09 -1.08
C SER A 28 28.91 17.71 0.38
N LEU A 29 30.00 17.37 1.07
CA LEU A 29 29.96 16.99 2.47
C LEU A 29 29.30 18.09 3.28
N GLU A 30 29.73 19.31 3.02
CA GLU A 30 29.26 20.48 3.75
C GLU A 30 27.91 21.05 3.29
N ASN A 31 27.63 20.96 2.00
CA ASN A 31 26.39 21.52 1.44
C ASN A 31 25.17 20.62 1.42
N PHE A 32 25.35 19.32 1.65
CA PHE A 32 24.23 18.39 1.62
C PHE A 32 24.16 17.56 2.91
N ARG A 33 23.83 18.22 4.01
CA ARG A 33 23.73 17.57 5.30
C ARG A 33 22.31 17.04 5.42
N ILE A 34 21.97 16.11 4.54
CA ILE A 34 20.63 15.55 4.50
C ILE A 34 20.73 14.04 4.67
N GLY A 35 20.26 13.55 5.81
CA GLY A 35 20.31 12.12 6.11
C GLY A 35 21.73 11.60 6.31
N THR A 36 22.58 12.43 6.94
CA THR A 36 23.96 12.03 7.14
C THR A 36 24.17 10.77 7.98
N ASP A 37 23.29 10.54 8.94
CA ASP A 37 23.42 9.37 9.81
C ASP A 37 23.03 8.03 9.18
N ARG A 38 21.90 8.00 8.50
CA ARG A 38 21.41 6.75 7.92
C ARG A 38 21.50 6.62 6.42
N PHE A 39 21.77 7.71 5.72
CA PHE A 39 21.80 7.63 4.26
C PHE A 39 23.12 7.87 3.54
N ARG A 40 24.21 7.36 4.10
CA ARG A 40 25.49 7.51 3.42
C ARG A 40 25.31 6.68 2.15
N MET A 41 25.91 7.13 1.05
CA MET A 41 25.80 6.42 -0.22
C MET A 41 26.17 4.95 -0.03
N PRO A 42 25.33 4.02 -0.51
CA PRO A 42 25.58 2.58 -0.38
C PRO A 42 26.99 2.21 -0.85
N LEU A 43 27.68 1.40 -0.05
CA LEU A 43 29.02 0.99 -0.43
C LEU A 43 28.97 0.09 -1.66
N GLU A 44 27.81 -0.52 -1.91
CA GLU A 44 27.68 -1.38 -3.09
C GLU A 44 27.94 -0.50 -4.33
N ILE A 45 27.44 0.73 -4.28
CA ILE A 45 27.63 1.66 -5.38
C ILE A 45 29.10 2.08 -5.48
N ILE A 46 29.73 2.29 -4.32
CA ILE A 46 31.13 2.68 -4.29
C ILE A 46 32.02 1.57 -4.87
N ARG A 47 31.79 0.34 -4.43
CA ARG A 47 32.56 -0.81 -4.92
C ARG A 47 32.36 -0.96 -6.41
N ALA A 48 31.11 -0.85 -6.87
CA ALA A 48 30.82 -0.98 -8.29
C ALA A 48 31.51 0.16 -9.06
N TYR A 49 31.57 1.35 -8.46
CA TYR A 49 32.24 2.48 -9.12
C TYR A 49 33.73 2.15 -9.25
N GLY A 50 34.27 1.43 -8.27
CA GLY A 50 35.67 1.05 -8.32
C GLY A 50 35.89 0.13 -9.52
N MET A 51 34.95 -0.80 -9.73
CA MET A 51 35.03 -1.72 -10.85
C MET A 51 34.96 -0.96 -12.16
N LEU A 52 34.06 0.03 -12.20
CA LEU A 52 33.87 0.85 -13.38
C LEU A 52 35.11 1.68 -13.70
N LYS A 53 35.69 2.33 -12.70
CA LYS A 53 36.87 3.14 -12.94
C LYS A 53 38.07 2.28 -13.34
N LYS A 54 38.13 1.06 -12.85
CA LYS A 54 39.21 0.15 -13.20
C LYS A 54 39.07 -0.22 -14.68
N ALA A 55 37.86 -0.55 -15.08
CA ALA A 55 37.57 -0.91 -16.48
C ALA A 55 37.79 0.29 -17.39
N ALA A 56 37.45 1.48 -16.90
CA ALA A 56 37.61 2.70 -17.67
C ALA A 56 39.09 2.98 -17.94
N ALA A 57 39.92 2.84 -16.91
CA ALA A 57 41.35 3.08 -17.07
C ALA A 57 41.93 2.02 -18.02
N ARG A 58 41.47 0.79 -17.86
CA ARG A 58 41.93 -0.30 -18.71
C ARG A 58 41.55 -0.02 -20.18
N ALA A 59 40.32 0.42 -20.39
CA ALA A 59 39.84 0.72 -21.74
C ALA A 59 40.60 1.92 -22.34
N ASN A 60 40.72 3.00 -21.57
CA ASN A 60 41.42 4.17 -22.09
C ASN A 60 42.87 3.85 -22.43
N LEU A 61 43.51 3.00 -21.62
CA LEU A 61 44.88 2.61 -21.87
C LEU A 61 44.95 1.82 -23.18
N GLU A 62 44.04 0.87 -23.33
CA GLU A 62 43.98 0.04 -24.53
C GLU A 62 43.73 0.89 -25.77
N LEU A 63 42.95 1.96 -25.62
CA LEU A 63 42.61 2.84 -26.73
C LEU A 63 43.57 4.02 -26.92
N GLY A 64 44.62 4.09 -26.12
CA GLY A 64 45.60 5.16 -26.24
C GLY A 64 45.20 6.50 -25.66
N GLU A 65 44.14 6.49 -24.85
CA GLU A 65 43.63 7.71 -24.23
C GLU A 65 44.33 8.06 -22.92
N LEU A 66 45.08 7.12 -22.37
CA LEU A 66 45.81 7.32 -21.12
C LEU A 66 47.22 6.75 -21.18
N PRO A 67 48.17 7.39 -20.48
CA PRO A 67 49.56 6.92 -20.47
C PRO A 67 49.64 5.65 -19.62
N GLU A 68 50.55 4.75 -19.99
CA GLU A 68 50.74 3.50 -19.27
C GLU A 68 50.93 3.70 -17.77
N GLU A 69 51.90 4.53 -17.42
CA GLU A 69 52.22 4.82 -16.02
C GLU A 69 51.00 5.15 -15.17
N ILE A 70 50.33 6.23 -15.53
CA ILE A 70 49.15 6.69 -14.81
C ILE A 70 48.00 5.69 -14.84
N ALA A 71 47.77 5.08 -16.00
CA ALA A 71 46.69 4.09 -16.12
C ALA A 71 46.87 2.92 -15.16
N LYS A 72 48.07 2.36 -15.12
CA LYS A 72 48.35 1.23 -14.24
C LYS A 72 48.12 1.58 -12.77
N ALA A 73 48.52 2.79 -12.38
CA ALA A 73 48.35 3.24 -11.00
C ALA A 73 46.87 3.36 -10.67
N ILE A 74 46.12 3.93 -11.60
CA ILE A 74 44.67 4.09 -11.42
C ILE A 74 44.01 2.73 -11.28
N ILE A 75 44.42 1.79 -12.12
CA ILE A 75 43.86 0.44 -12.07
C ILE A 75 44.13 -0.20 -10.71
N GLN A 76 45.32 0.01 -10.17
CA GLN A 76 45.67 -0.56 -8.86
C GLN A 76 44.81 0.11 -7.78
N ALA A 77 44.72 1.44 -7.84
CA ALA A 77 43.95 2.21 -6.88
C ALA A 77 42.48 1.84 -6.93
N ALA A 78 41.95 1.68 -8.14
CA ALA A 78 40.56 1.31 -8.31
C ALA A 78 40.28 -0.07 -7.72
N GLU A 79 41.21 -1.01 -7.94
CA GLU A 79 41.04 -2.36 -7.41
C GLU A 79 41.00 -2.34 -5.89
N GLU A 80 41.77 -1.44 -5.28
CA GLU A 80 41.77 -1.34 -3.83
C GLU A 80 40.40 -0.88 -3.35
N VAL A 81 39.75 -0.04 -4.14
CA VAL A 81 38.42 0.44 -3.78
C VAL A 81 37.45 -0.74 -3.86
N VAL A 82 37.56 -1.53 -4.92
CA VAL A 82 36.69 -2.69 -5.08
C VAL A 82 36.84 -3.64 -3.90
N GLN A 83 38.06 -3.75 -3.38
CA GLN A 83 38.32 -4.63 -2.23
C GLN A 83 37.88 -4.03 -0.90
N GLY A 84 37.33 -2.83 -0.94
CA GLY A 84 36.85 -2.18 0.28
C GLY A 84 37.90 -1.53 1.15
N LYS A 85 39.10 -1.37 0.62
CA LYS A 85 40.20 -0.78 1.38
C LYS A 85 40.06 0.73 1.63
N TRP A 86 39.18 1.39 0.90
CA TRP A 86 39.01 2.83 1.07
C TRP A 86 37.59 3.27 1.42
N ASP A 87 36.80 2.35 1.97
CA ASP A 87 35.41 2.64 2.33
C ASP A 87 35.22 3.90 3.17
N ASP A 88 36.11 4.13 4.13
CA ASP A 88 36.00 5.30 4.99
C ASP A 88 36.33 6.63 4.34
N HIS A 89 36.63 6.60 3.04
CA HIS A 89 36.95 7.84 2.32
C HIS A 89 35.82 8.30 1.41
N PHE A 90 34.62 7.79 1.69
CA PHE A 90 33.42 8.15 0.95
C PHE A 90 32.42 8.55 2.03
N PRO A 91 32.33 9.86 2.31
CA PRO A 91 31.45 10.43 3.33
C PRO A 91 30.17 11.13 2.85
N LEU A 92 29.84 10.98 1.58
CA LEU A 92 28.67 11.66 1.04
C LEU A 92 27.36 10.89 1.18
N VAL A 93 26.26 11.63 1.20
CA VAL A 93 24.92 11.05 1.34
C VAL A 93 24.21 10.80 0.02
N VAL A 94 23.12 10.03 0.10
CA VAL A 94 22.30 9.71 -1.05
C VAL A 94 21.64 10.98 -1.57
N PHE A 95 21.23 11.85 -0.65
CA PHE A 95 20.55 13.08 -1.02
C PHE A 95 21.46 14.24 -1.40
N GLN A 96 22.15 14.05 -2.52
CA GLN A 96 23.09 15.01 -3.10
C GLN A 96 22.51 15.39 -4.46
N THR A 97 23.36 15.73 -5.42
CA THR A 97 22.87 16.05 -6.74
C THR A 97 22.17 14.83 -7.32
N GLY A 98 21.14 15.06 -8.11
CA GLY A 98 20.36 13.96 -8.67
C GLY A 98 21.06 13.12 -9.72
N SER A 99 22.22 13.58 -10.17
CA SER A 99 22.98 12.85 -11.18
C SER A 99 24.07 12.02 -10.54
N GLY A 100 24.31 12.24 -9.24
CA GLY A 100 25.34 11.52 -8.54
C GLY A 100 26.72 12.08 -8.83
N THR A 101 26.76 13.28 -9.38
CA THR A 101 28.02 13.93 -9.72
C THR A 101 29.01 14.00 -8.56
N GLN A 102 28.51 14.30 -7.37
CA GLN A 102 29.39 14.42 -6.22
C GLN A 102 30.04 13.09 -5.83
N THR A 103 29.31 11.99 -5.92
CA THR A 103 29.89 10.69 -5.61
C THR A 103 30.85 10.29 -6.72
N ASN A 104 30.52 10.64 -7.97
CA ASN A 104 31.44 10.31 -9.07
C ASN A 104 32.77 11.02 -8.79
N MET A 105 32.70 12.29 -8.42
CA MET A 105 33.93 13.03 -8.13
C MET A 105 34.63 12.52 -6.87
N ASN A 106 33.86 12.01 -5.91
CA ASN A 106 34.42 11.46 -4.67
C ASN A 106 35.26 10.24 -5.10
N VAL A 107 34.71 9.45 -6.00
CA VAL A 107 35.42 8.28 -6.52
C VAL A 107 36.66 8.73 -7.31
N ASN A 108 36.49 9.72 -8.17
CA ASN A 108 37.62 10.20 -8.97
C ASN A 108 38.74 10.76 -8.10
N GLU A 109 38.37 11.53 -7.08
CA GLU A 109 39.37 12.15 -6.21
C GLU A 109 40.13 11.15 -5.34
N VAL A 110 39.43 10.17 -4.78
CA VAL A 110 40.09 9.17 -3.93
C VAL A 110 41.04 8.31 -4.76
N ILE A 111 40.55 7.82 -5.89
CA ILE A 111 41.35 6.98 -6.76
C ILE A 111 42.54 7.76 -7.31
N ALA A 112 42.33 9.02 -7.68
CA ALA A 112 43.40 9.85 -8.23
C ALA A 112 44.46 10.14 -7.19
N ASN A 113 44.04 10.41 -5.95
CA ASN A 113 45.00 10.69 -4.90
C ASN A 113 45.82 9.45 -4.58
N ARG A 114 45.15 8.31 -4.46
CA ARG A 114 45.84 7.06 -4.16
C ARG A 114 46.77 6.68 -5.32
N ALA A 115 46.35 6.99 -6.55
CA ALA A 115 47.16 6.69 -7.73
C ALA A 115 48.42 7.54 -7.72
N SER A 116 48.26 8.83 -7.43
CA SER A 116 49.40 9.74 -7.38
C SER A 116 50.38 9.22 -6.34
N GLU A 117 49.85 8.81 -5.20
CA GLU A 117 50.67 8.28 -4.11
C GLU A 117 51.40 7.01 -4.55
N ILE A 118 50.71 6.13 -5.28
CA ILE A 118 51.32 4.89 -5.75
C ILE A 118 52.49 5.24 -6.67
N LEU A 119 52.39 6.39 -7.34
CA LEU A 119 53.44 6.84 -8.24
C LEU A 119 54.46 7.73 -7.53
N GLY A 120 54.47 7.66 -6.20
CA GLY A 120 55.40 8.45 -5.42
C GLY A 120 55.13 9.94 -5.42
N LYS A 121 53.90 10.33 -5.76
CA LYS A 121 53.54 11.74 -5.79
C LYS A 121 52.72 12.10 -4.55
N PRO A 122 52.78 13.38 -4.13
CA PRO A 122 52.04 13.85 -2.96
C PRO A 122 50.53 13.98 -3.18
N LEU A 123 49.76 13.87 -2.10
CA LEU A 123 48.32 14.00 -2.18
C LEU A 123 47.97 15.44 -2.54
N GLY A 124 46.95 15.61 -3.38
CA GLY A 124 46.53 16.94 -3.77
C GLY A 124 47.32 17.49 -4.95
N SER A 125 48.35 16.74 -5.37
CA SER A 125 49.18 17.15 -6.50
C SER A 125 48.44 16.94 -7.82
N LYS A 126 47.60 15.92 -7.85
CA LYS A 126 46.83 15.60 -9.04
C LYS A 126 47.71 15.09 -10.19
N TYR A 127 48.84 14.47 -9.87
CA TYR A 127 49.71 13.93 -10.92
C TYR A 127 48.79 13.04 -11.72
N ALA A 128 47.98 12.27 -11.00
CA ALA A 128 46.96 11.43 -11.61
C ALA A 128 45.78 12.36 -11.31
N HIS A 129 45.22 12.94 -12.35
CA HIS A 129 44.13 13.91 -12.21
C HIS A 129 42.75 13.26 -12.14
N PRO A 130 41.91 13.71 -11.18
CA PRO A 130 40.56 13.16 -11.01
C PRO A 130 39.72 13.29 -12.27
N ASN A 131 39.79 14.45 -12.92
CA ASN A 131 39.02 14.70 -14.12
C ASN A 131 39.71 14.31 -15.43
N ASP A 132 40.96 14.73 -15.58
CA ASP A 132 41.70 14.44 -16.82
C ASP A 132 42.07 12.97 -17.01
N HIS A 133 42.21 12.24 -15.92
CA HIS A 133 42.60 10.83 -16.03
C HIS A 133 41.57 9.82 -15.54
N VAL A 134 41.24 9.86 -14.25
CA VAL A 134 40.28 8.91 -13.70
C VAL A 134 38.89 9.02 -14.32
N ASN A 135 38.49 10.23 -14.69
CA ASN A 135 37.18 10.48 -15.30
C ASN A 135 37.26 10.64 -16.81
N ARG A 136 38.41 10.31 -17.40
CA ARG A 136 38.60 10.44 -18.85
C ARG A 136 37.51 9.77 -19.67
N GLY A 137 36.88 10.55 -20.56
CA GLY A 137 35.83 10.03 -21.43
C GLY A 137 34.51 9.69 -20.75
N GLN A 138 34.34 10.17 -19.53
CA GLN A 138 33.14 9.88 -18.75
C GLN A 138 32.41 11.11 -18.26
N SER A 139 31.17 10.88 -17.83
CA SER A 139 30.35 11.93 -17.23
C SER A 139 29.75 11.25 -16.01
N SER A 140 29.27 12.02 -15.05
CA SER A 140 28.64 11.40 -13.91
C SER A 140 27.31 10.86 -14.43
N ASN A 141 26.79 11.52 -15.46
CA ASN A 141 25.49 11.15 -16.04
C ASN A 141 25.39 9.72 -16.52
N ASP A 142 26.45 9.21 -17.14
CA ASP A 142 26.42 7.84 -17.62
C ASP A 142 27.11 6.86 -16.65
N THR A 143 28.10 7.32 -15.91
CA THR A 143 28.78 6.41 -15.00
C THR A 143 27.98 6.08 -13.73
N PHE A 144 27.25 7.05 -13.19
CA PHE A 144 26.50 6.75 -11.97
C PHE A 144 25.46 5.65 -12.22
N PRO A 145 24.63 5.78 -13.27
CA PRO A 145 23.65 4.73 -13.49
C PRO A 145 24.31 3.40 -13.89
N THR A 146 25.49 3.48 -14.50
CA THR A 146 26.19 2.25 -14.86
C THR A 146 26.62 1.56 -13.57
N ALA A 147 27.23 2.32 -12.68
CA ALA A 147 27.66 1.78 -11.40
C ALA A 147 26.46 1.28 -10.58
N MET A 148 25.34 1.99 -10.63
CA MET A 148 24.20 1.54 -9.82
C MET A 148 23.53 0.29 -10.39
N TYR A 149 23.50 0.14 -11.70
CA TYR A 149 22.92 -1.07 -12.30
C TYR A 149 23.78 -2.27 -11.93
N VAL A 150 25.11 -2.09 -12.00
CA VAL A 150 26.03 -3.16 -11.63
C VAL A 150 25.86 -3.50 -10.15
N ALA A 151 25.78 -2.46 -9.31
CA ALA A 151 25.64 -2.66 -7.88
C ALA A 151 24.39 -3.46 -7.52
N VAL A 152 23.27 -3.10 -8.13
CA VAL A 152 22.02 -3.80 -7.85
C VAL A 152 22.06 -5.23 -8.36
N ALA A 153 22.57 -5.43 -9.57
CA ALA A 153 22.65 -6.79 -10.11
C ALA A 153 23.49 -7.67 -9.20
N LEU A 154 24.65 -7.16 -8.77
CA LEU A 154 25.51 -7.93 -7.90
C LEU A 154 24.89 -8.22 -6.53
N ALA A 155 24.17 -7.24 -5.98
CA ALA A 155 23.54 -7.43 -4.67
C ALA A 155 22.45 -8.50 -4.73
N LEU A 156 21.77 -8.59 -5.87
CA LEU A 156 20.74 -9.61 -6.02
C LEU A 156 21.41 -10.99 -5.91
N HIS A 157 22.50 -11.16 -6.62
CA HIS A 157 23.22 -12.44 -6.61
C HIS A 157 23.93 -12.74 -5.29
N GLN A 158 24.50 -11.71 -4.69
CA GLN A 158 25.24 -11.88 -3.45
C GLN A 158 24.37 -12.06 -2.21
N ARG A 159 23.26 -11.34 -2.16
CA ARG A 159 22.42 -11.41 -0.97
C ARG A 159 20.98 -11.91 -1.08
N LEU A 160 20.19 -11.34 -1.99
CA LEU A 160 18.80 -11.75 -2.09
C LEU A 160 18.57 -13.18 -2.56
N TYR A 161 19.15 -13.55 -3.70
CA TYR A 161 18.95 -14.90 -4.23
C TYR A 161 19.35 -16.00 -3.25
N PRO A 162 20.53 -15.90 -2.63
CA PRO A 162 20.93 -16.95 -1.68
C PRO A 162 19.93 -17.10 -0.53
N ALA A 163 19.42 -15.97 -0.04
CA ALA A 163 18.47 -16.01 1.07
C ALA A 163 17.13 -16.64 0.67
N VAL A 164 16.57 -16.20 -0.45
CA VAL A 164 15.28 -16.73 -0.89
C VAL A 164 15.41 -18.20 -1.31
N GLU A 165 16.50 -18.53 -2.01
CA GLU A 165 16.71 -19.91 -2.43
C GLU A 165 16.83 -20.79 -1.19
N GLY A 166 17.44 -20.24 -0.15
CA GLY A 166 17.60 -20.98 1.10
C GLY A 166 16.25 -21.28 1.73
N LEU A 167 15.37 -20.27 1.77
CA LEU A 167 14.05 -20.45 2.35
C LEU A 167 13.22 -21.43 1.51
N ILE A 168 13.39 -21.39 0.20
CA ILE A 168 12.66 -22.30 -0.68
C ILE A 168 13.06 -23.74 -0.31
N ARG A 169 14.36 -23.94 -0.07
CA ARG A 169 14.87 -25.26 0.29
C ARG A 169 14.26 -25.73 1.60
N THR A 170 14.20 -24.83 2.58
CA THR A 170 13.63 -25.17 3.88
C THR A 170 12.15 -25.57 3.77
N PHE A 171 11.36 -24.75 3.08
CA PHE A 171 9.95 -25.05 2.91
C PHE A 171 9.75 -26.33 2.11
N THR A 172 10.61 -26.55 1.12
CA THR A 172 10.52 -27.75 0.30
C THR A 172 10.75 -28.99 1.17
N ALA A 173 11.74 -28.91 2.05
CA ALA A 173 12.06 -30.02 2.95
C ALA A 173 10.94 -30.26 3.96
N LYS A 174 10.39 -29.18 4.51
CA LYS A 174 9.32 -29.28 5.48
C LYS A 174 8.06 -29.86 4.82
N ALA A 175 7.80 -29.44 3.60
CA ALA A 175 6.62 -29.91 2.86
C ALA A 175 6.70 -31.42 2.65
N GLN A 176 7.89 -31.92 2.34
CA GLN A 176 8.08 -33.34 2.12
C GLN A 176 7.88 -34.11 3.42
N ALA A 177 8.46 -33.59 4.50
CA ALA A 177 8.35 -34.22 5.81
C ALA A 177 6.93 -34.28 6.36
N PHE A 178 6.09 -33.31 6.01
CA PHE A 178 4.73 -33.28 6.51
C PHE A 178 3.67 -33.54 5.45
N ASP A 179 4.05 -34.16 4.35
CA ASP A 179 3.12 -34.42 3.26
C ASP A 179 2.12 -35.54 3.54
N GLN A 180 2.28 -36.24 4.66
CA GLN A 180 1.37 -37.32 5.02
C GLN A 180 0.42 -36.89 6.14
N ILE A 181 0.54 -35.64 6.55
CA ILE A 181 -0.30 -35.10 7.61
C ILE A 181 -1.52 -34.41 7.02
N VAL A 182 -2.68 -35.06 7.13
CA VAL A 182 -3.91 -34.51 6.59
C VAL A 182 -4.49 -33.47 7.55
N LYS A 183 -4.95 -32.36 6.99
CA LYS A 183 -5.51 -31.29 7.80
C LYS A 183 -6.67 -30.60 7.08
N VAL A 184 -7.31 -29.66 7.78
CA VAL A 184 -8.43 -28.94 7.22
C VAL A 184 -7.96 -27.75 6.38
N GLY A 185 -8.43 -27.66 5.16
CA GLY A 185 -8.08 -26.54 4.31
C GLY A 185 -9.00 -25.41 4.67
N ARG A 186 -8.63 -24.18 4.35
CA ARG A 186 -9.47 -23.03 4.68
C ARG A 186 -9.62 -22.04 3.53
N THR A 187 -10.86 -21.66 3.25
CA THR A 187 -11.16 -20.69 2.22
C THR A 187 -12.10 -19.65 2.84
N HIS A 188 -11.83 -18.38 2.60
CA HIS A 188 -12.64 -17.29 3.17
C HIS A 188 -12.44 -17.30 4.68
N LEU A 189 -11.43 -18.07 5.12
CA LEU A 189 -11.10 -18.26 6.53
C LEU A 189 -11.98 -19.34 7.17
N MET A 190 -12.89 -19.88 6.38
CA MET A 190 -13.81 -20.90 6.87
C MET A 190 -13.36 -22.33 6.57
N ASP A 191 -13.81 -23.27 7.40
CA ASP A 191 -13.45 -24.69 7.23
C ASP A 191 -13.79 -25.12 5.80
N ALA A 192 -12.82 -25.72 5.12
CA ALA A 192 -13.02 -26.18 3.76
C ALA A 192 -12.65 -27.66 3.69
N VAL A 193 -12.42 -28.17 2.48
CA VAL A 193 -12.07 -29.58 2.31
C VAL A 193 -10.64 -29.87 2.76
N PRO A 194 -10.36 -31.14 3.09
CA PRO A 194 -9.04 -31.59 3.54
C PRO A 194 -7.88 -31.37 2.57
N ILE A 195 -6.69 -31.19 3.14
CA ILE A 195 -5.46 -31.01 2.39
C ILE A 195 -4.39 -31.56 3.30
N THR A 196 -3.13 -31.54 2.89
CA THR A 196 -2.07 -32.02 3.74
C THR A 196 -1.24 -30.80 4.14
N LEU A 197 -0.53 -30.90 5.27
CA LEU A 197 0.30 -29.80 5.73
C LEU A 197 1.42 -29.60 4.71
N GLY A 198 1.82 -30.68 4.05
CA GLY A 198 2.86 -30.61 3.04
C GLY A 198 2.43 -29.81 1.83
N GLN A 199 1.17 -29.92 1.44
CA GLN A 199 0.67 -29.17 0.29
C GLN A 199 0.61 -27.69 0.62
N GLU A 200 0.21 -27.38 1.85
CA GLU A 200 0.10 -26.00 2.28
C GLU A 200 1.48 -25.32 2.32
N ILE A 201 2.44 -25.96 2.97
CA ILE A 201 3.79 -25.42 3.05
C ILE A 201 4.40 -25.38 1.66
N GLY A 202 4.06 -26.38 0.84
CA GLY A 202 4.57 -26.42 -0.51
C GLY A 202 4.12 -25.22 -1.32
N SER A 203 2.91 -24.73 -1.05
CA SER A 203 2.41 -23.58 -1.79
C SER A 203 3.26 -22.35 -1.47
N TRP A 204 3.79 -22.26 -0.25
CA TRP A 204 4.63 -21.13 0.13
C TRP A 204 5.89 -21.17 -0.71
N ALA A 205 6.48 -22.36 -0.80
CA ALA A 205 7.70 -22.55 -1.58
C ALA A 205 7.45 -22.16 -3.03
N ALA A 206 6.28 -22.54 -3.56
CA ALA A 206 5.93 -22.23 -4.94
C ALA A 206 5.83 -20.74 -5.18
N GLN A 207 5.22 -20.02 -4.24
CA GLN A 207 5.09 -18.58 -4.37
C GLN A 207 6.46 -17.91 -4.46
N LEU A 208 7.41 -18.41 -3.67
CA LEU A 208 8.75 -17.85 -3.68
C LEU A 208 9.47 -18.19 -4.99
N LYS A 209 9.24 -19.39 -5.50
CA LYS A 209 9.86 -19.79 -6.76
C LYS A 209 9.33 -18.89 -7.88
N THR A 210 8.02 -18.67 -7.89
CA THR A 210 7.38 -17.84 -8.90
C THR A 210 7.86 -16.39 -8.83
N THR A 211 7.87 -15.81 -7.64
CA THR A 211 8.30 -14.42 -7.54
C THR A 211 9.80 -14.24 -7.74
N LEU A 212 10.61 -15.19 -7.26
CA LEU A 212 12.05 -15.08 -7.45
C LEU A 212 12.36 -15.18 -8.94
N ALA A 213 11.61 -16.01 -9.65
CA ALA A 213 11.82 -16.17 -11.09
C ALA A 213 11.61 -14.84 -11.82
N ALA A 214 10.59 -14.10 -11.42
CA ALA A 214 10.28 -12.81 -12.04
C ALA A 214 11.39 -11.80 -11.74
N VAL A 215 11.93 -11.83 -10.52
CA VAL A 215 13.01 -10.91 -10.19
C VAL A 215 14.22 -11.21 -11.08
N LYS A 216 14.51 -12.49 -11.28
CA LYS A 216 15.64 -12.85 -12.11
C LYS A 216 15.43 -12.48 -13.57
N GLU A 217 14.17 -12.45 -14.01
CA GLU A 217 13.91 -12.06 -15.39
C GLU A 217 14.07 -10.56 -15.54
N MET A 218 13.54 -9.80 -14.58
CA MET A 218 13.68 -8.35 -14.64
C MET A 218 15.15 -7.94 -14.50
N GLU A 219 15.93 -8.75 -13.79
CA GLU A 219 17.36 -8.48 -13.60
C GLU A 219 18.09 -8.28 -14.93
N LYS A 220 17.63 -8.97 -15.96
CA LYS A 220 18.25 -8.88 -17.27
C LYS A 220 18.27 -7.47 -17.86
N GLY A 221 17.31 -6.64 -17.45
CA GLY A 221 17.27 -5.28 -17.94
C GLY A 221 18.45 -4.46 -17.42
N LEU A 222 18.99 -4.86 -16.28
CA LEU A 222 20.12 -4.16 -15.69
C LEU A 222 21.42 -4.42 -16.45
N TYR A 223 21.40 -5.40 -17.34
CA TYR A 223 22.58 -5.73 -18.12
C TYR A 223 22.87 -4.66 -19.17
N ASN A 224 21.87 -3.83 -19.47
CA ASN A 224 22.01 -2.75 -20.44
C ASN A 224 22.49 -1.49 -19.72
N LEU A 225 23.73 -1.12 -19.98
CA LEU A 225 24.36 0.04 -19.33
C LEU A 225 24.39 1.34 -20.12
N ALA A 226 24.45 2.45 -19.39
CA ALA A 226 24.49 3.77 -20.00
C ALA A 226 25.91 4.17 -20.42
N ILE A 227 26.90 3.47 -19.89
CA ILE A 227 28.31 3.78 -20.15
C ILE A 227 28.64 4.10 -21.60
N GLY A 228 29.31 5.23 -21.80
CA GLY A 228 29.70 5.66 -23.13
C GLY A 228 28.82 6.77 -23.69
N GLY A 229 27.67 6.99 -23.08
CA GLY A 229 26.78 8.04 -23.57
C GLY A 229 27.18 9.42 -23.09
N THR A 230 28.13 9.45 -22.16
CA THR A 230 28.62 10.68 -21.53
C THR A 230 27.51 11.62 -21.04
N ALA A 231 27.61 12.91 -21.34
CA ALA A 231 26.63 13.88 -20.84
C ALA A 231 25.15 13.71 -21.18
N VAL A 232 24.82 13.50 -22.45
CA VAL A 232 23.41 13.39 -22.84
C VAL A 232 23.04 12.13 -23.62
N GLY A 233 24.04 11.34 -23.98
CA GLY A 233 23.77 10.13 -24.73
C GLY A 233 24.52 10.08 -26.07
N THR A 234 25.09 11.21 -26.48
CA THR A 234 25.82 11.29 -27.75
C THR A 234 27.21 10.68 -27.74
N GLY A 235 27.80 10.54 -26.55
CA GLY A 235 29.13 9.97 -26.46
C GLY A 235 30.22 11.01 -26.69
N LEU A 236 29.83 12.27 -26.70
CA LEU A 236 30.79 13.35 -26.90
C LEU A 236 31.86 13.28 -25.81
N ASN A 237 33.12 13.38 -26.23
CA ASN A 237 34.28 13.35 -25.34
C ASN A 237 34.78 11.95 -24.98
N ALA A 238 34.07 10.92 -25.44
CA ALA A 238 34.49 9.55 -25.17
C ALA A 238 35.09 8.97 -26.45
N HIS A 239 36.06 8.07 -26.29
CA HIS A 239 36.66 7.41 -27.45
C HIS A 239 35.51 6.55 -28.00
N PRO A 240 35.38 6.44 -29.34
CA PRO A 240 34.31 5.63 -29.94
C PRO A 240 34.14 4.20 -29.43
N ARG A 241 35.21 3.58 -28.94
CA ARG A 241 35.11 2.21 -28.44
C ARG A 241 35.15 2.13 -26.91
N PHE A 242 35.21 3.28 -26.25
CA PHE A 242 35.28 3.30 -24.79
C PHE A 242 34.12 2.56 -24.09
N GLY A 243 32.88 2.95 -24.38
CA GLY A 243 31.75 2.31 -23.74
C GLY A 243 31.72 0.81 -23.95
N GLU A 244 31.94 0.41 -25.20
CA GLU A 244 31.95 -0.99 -25.56
C GLU A 244 32.95 -1.80 -24.75
N LEU A 245 34.19 -1.32 -24.65
CA LEU A 245 35.19 -2.03 -23.89
C LEU A 245 34.89 -2.06 -22.40
N VAL A 246 34.41 -0.95 -21.86
CA VAL A 246 34.10 -0.93 -20.43
C VAL A 246 33.06 -1.97 -20.09
N ALA A 247 31.99 -2.06 -20.88
CA ALA A 247 30.94 -3.04 -20.63
C ALA A 247 31.53 -4.46 -20.73
N LYS A 248 32.41 -4.66 -21.70
CA LYS A 248 33.05 -5.96 -21.89
C LYS A 248 33.85 -6.34 -20.65
N TYR A 249 34.65 -5.40 -20.14
CA TYR A 249 35.48 -5.64 -18.96
C TYR A 249 34.63 -5.86 -17.70
N LEU A 250 33.51 -5.13 -17.60
CA LEU A 250 32.64 -5.31 -16.45
C LEU A 250 32.04 -6.71 -16.48
N ALA A 251 31.70 -7.18 -17.69
CA ALA A 251 31.15 -8.51 -17.85
C ALA A 251 32.18 -9.55 -17.44
N GLU A 252 33.44 -9.33 -17.82
CA GLU A 252 34.52 -10.24 -17.47
C GLU A 252 34.68 -10.29 -15.95
N GLU A 253 34.67 -9.11 -15.34
CA GLU A 253 34.84 -8.95 -13.91
C GLU A 253 33.74 -9.59 -13.06
N THR A 254 32.50 -9.36 -13.46
CA THR A 254 31.34 -9.85 -12.71
C THR A 254 30.75 -11.20 -13.09
N GLY A 255 30.93 -11.62 -14.33
CA GLY A 255 30.36 -12.88 -14.75
C GLY A 255 28.95 -12.68 -15.28
N LEU A 256 28.51 -11.42 -15.34
CA LEU A 256 27.18 -11.09 -15.86
C LEU A 256 27.38 -10.48 -17.25
N PRO A 257 26.45 -10.74 -18.18
CA PRO A 257 26.50 -10.23 -19.56
C PRO A 257 26.20 -8.76 -19.80
N PHE A 258 26.99 -7.88 -19.18
CA PHE A 258 26.78 -6.45 -19.36
C PHE A 258 27.10 -6.01 -20.78
N ARG A 259 26.28 -5.09 -21.27
CA ARG A 259 26.44 -4.52 -22.60
C ARG A 259 25.96 -3.07 -22.59
N VAL A 260 26.37 -2.30 -23.59
CA VAL A 260 25.93 -0.92 -23.67
C VAL A 260 24.48 -0.98 -24.15
N ALA A 261 23.63 -0.14 -23.57
CA ALA A 261 22.21 -0.13 -23.95
C ALA A 261 22.08 0.21 -25.43
N GLU A 262 21.07 -0.38 -26.08
CA GLU A 262 20.85 -0.12 -27.49
C GLU A 262 20.66 1.39 -27.71
N ASN A 263 19.84 2.00 -26.85
CA ASN A 263 19.61 3.45 -26.94
C ASN A 263 20.25 4.12 -25.74
N ARG A 264 21.35 4.84 -25.98
CA ARG A 264 22.08 5.51 -24.90
C ARG A 264 21.31 6.66 -24.27
N PHE A 265 20.46 7.31 -25.05
CA PHE A 265 19.68 8.45 -24.56
C PHE A 265 18.67 8.04 -23.50
N ALA A 266 17.93 6.98 -23.77
CA ALA A 266 16.93 6.50 -22.82
C ALA A 266 17.61 5.93 -21.57
N ALA A 267 18.87 5.53 -21.70
CA ALA A 267 19.62 4.98 -20.58
C ALA A 267 20.02 6.09 -19.59
N LEU A 268 19.94 7.33 -20.04
CA LEU A 268 20.27 8.48 -19.19
C LEU A 268 19.02 9.19 -18.71
N ALA A 269 18.02 9.26 -19.59
CA ALA A 269 16.76 9.94 -19.29
C ALA A 269 15.79 9.16 -18.42
N ALA A 270 16.09 7.88 -18.22
CA ALA A 270 15.22 7.04 -17.40
C ALA A 270 15.96 5.81 -16.93
N HIS A 271 15.35 5.10 -15.98
CA HIS A 271 15.94 3.87 -15.47
C HIS A 271 14.78 2.91 -15.25
N ASP A 272 13.98 2.76 -16.31
CA ASP A 272 12.81 1.90 -16.25
C ASP A 272 13.16 0.45 -15.91
N GLU A 273 14.36 0.02 -16.29
CA GLU A 273 14.79 -1.34 -15.97
C GLU A 273 14.92 -1.52 -14.46
N LEU A 274 15.47 -0.50 -13.79
CA LEU A 274 15.62 -0.56 -12.34
C LEU A 274 14.23 -0.53 -11.70
N VAL A 275 13.33 0.28 -12.26
CA VAL A 275 11.97 0.36 -11.72
C VAL A 275 11.31 -1.01 -11.75
N ASN A 276 11.47 -1.74 -12.86
CA ASN A 276 10.86 -3.06 -12.96
C ASN A 276 11.49 -4.11 -12.05
N VAL A 277 12.78 -3.98 -11.78
CA VAL A 277 13.45 -4.91 -10.88
C VAL A 277 12.86 -4.68 -9.48
N MET A 278 12.73 -3.42 -9.10
CA MET A 278 12.17 -3.08 -7.80
C MET A 278 10.73 -3.58 -7.72
N GLY A 279 9.99 -3.41 -8.83
CA GLY A 279 8.61 -3.87 -8.85
C GLY A 279 8.50 -5.36 -8.59
N ALA A 280 9.39 -6.14 -9.20
CA ALA A 280 9.37 -7.60 -9.00
C ALA A 280 9.75 -7.92 -7.56
N ILE A 281 10.64 -7.14 -6.98
CA ILE A 281 11.04 -7.35 -5.59
C ILE A 281 9.84 -7.10 -4.69
N ARG A 282 9.04 -6.09 -5.04
CA ARG A 282 7.84 -5.78 -4.27
C ARG A 282 6.89 -6.97 -4.26
N THR A 283 6.75 -7.64 -5.40
CA THR A 283 5.84 -8.78 -5.49
C THR A 283 6.33 -9.92 -4.61
N LEU A 284 7.65 -10.11 -4.58
CA LEU A 284 8.28 -11.13 -3.75
C LEU A 284 7.97 -10.81 -2.28
N ALA A 285 8.06 -9.52 -1.93
CA ALA A 285 7.78 -9.12 -0.56
C ALA A 285 6.32 -9.43 -0.21
N GLY A 286 5.43 -9.20 -1.17
CA GLY A 286 4.02 -9.48 -0.95
C GLY A 286 3.80 -10.96 -0.66
N ALA A 287 4.53 -11.81 -1.37
CA ALA A 287 4.42 -13.25 -1.15
C ALA A 287 4.94 -13.58 0.25
N LEU A 288 6.01 -12.92 0.66
CA LEU A 288 6.57 -13.17 1.98
C LEU A 288 5.58 -12.76 3.07
N MET A 289 4.81 -11.70 2.83
CA MET A 289 3.82 -11.29 3.82
C MET A 289 2.73 -12.35 3.90
N LYS A 290 2.26 -12.81 2.74
CA LYS A 290 1.21 -13.84 2.71
C LYS A 290 1.69 -15.06 3.49
N ILE A 291 2.89 -15.53 3.16
CA ILE A 291 3.47 -16.69 3.82
C ILE A 291 3.66 -16.43 5.31
N GLY A 292 4.26 -15.29 5.65
CA GLY A 292 4.47 -14.97 7.05
C GLY A 292 3.17 -14.94 7.84
N ASN A 293 2.13 -14.34 7.26
CA ASN A 293 0.85 -14.29 7.93
C ASN A 293 0.27 -15.69 8.11
N ASP A 294 0.40 -16.54 7.09
CA ASP A 294 -0.09 -17.91 7.22
C ASP A 294 0.61 -18.58 8.39
N VAL A 295 1.92 -18.39 8.48
CA VAL A 295 2.71 -18.98 9.56
C VAL A 295 2.25 -18.55 10.94
N ARG A 296 2.09 -17.24 11.17
CA ARG A 296 1.65 -16.83 12.50
C ARG A 296 0.21 -17.20 12.81
N TRP A 297 -0.64 -17.26 11.79
CA TRP A 297 -2.03 -17.64 12.04
C TRP A 297 -2.09 -19.13 12.37
N LEU A 298 -1.30 -19.94 11.67
CA LEU A 298 -1.29 -21.38 11.92
C LEU A 298 -0.73 -21.68 13.31
N ALA A 299 0.19 -20.83 13.78
CA ALA A 299 0.80 -21.03 15.08
C ALA A 299 0.08 -20.27 16.18
N SER A 300 -0.98 -19.53 15.82
CA SER A 300 -1.72 -18.74 16.80
C SER A 300 -2.27 -19.55 17.96
N GLY A 301 -2.37 -18.90 19.11
CA GLY A 301 -2.87 -19.56 20.30
C GLY A 301 -1.92 -19.39 21.46
N PRO A 302 -1.29 -20.48 21.92
CA PRO A 302 -1.45 -21.84 21.40
C PRO A 302 -2.71 -22.58 21.83
N TYR A 303 -3.51 -21.95 22.69
CA TYR A 303 -4.72 -22.63 23.16
C TYR A 303 -6.03 -22.10 22.59
N ALA A 304 -6.14 -20.78 22.45
CA ALA A 304 -7.37 -20.20 21.93
C ALA A 304 -7.22 -19.65 20.50
N GLY A 305 -6.32 -20.24 19.72
CA GLY A 305 -6.13 -19.82 18.35
C GLY A 305 -6.29 -21.01 17.45
N ILE A 306 -5.58 -21.02 16.32
CA ILE A 306 -5.65 -22.15 15.40
C ILE A 306 -4.68 -23.21 15.90
N GLY A 307 -3.44 -22.80 16.13
CA GLY A 307 -2.42 -23.69 16.67
C GLY A 307 -2.15 -25.02 15.98
N GLU A 308 -2.12 -25.06 14.66
CA GLU A 308 -1.84 -26.31 13.95
C GLU A 308 -0.33 -26.56 13.84
N ILE A 309 0.47 -25.52 14.07
CA ILE A 309 1.92 -25.68 14.04
C ILE A 309 2.55 -24.98 15.22
N THR A 310 3.78 -25.35 15.53
CA THR A 310 4.51 -24.71 16.62
C THR A 310 5.80 -24.16 16.03
N ILE A 311 6.38 -23.16 16.68
CA ILE A 311 7.62 -22.56 16.21
C ILE A 311 8.60 -22.38 17.37
N PRO A 312 9.89 -22.23 17.05
CA PRO A 312 10.94 -22.06 18.07
C PRO A 312 10.76 -20.79 18.91
N ALA A 313 11.06 -20.91 20.20
CA ALA A 313 10.97 -19.78 21.13
C ALA A 313 12.39 -19.26 21.32
N ASN A 314 12.67 -18.08 20.78
CA ASN A 314 14.01 -17.50 20.87
C ASN A 314 14.24 -16.47 21.96
N GLU A 315 13.17 -15.95 22.54
CA GLU A 315 13.31 -14.96 23.60
C GLU A 315 12.15 -15.02 24.60
N PRO A 316 12.34 -14.43 25.80
CA PRO A 316 11.31 -14.42 26.84
C PRO A 316 9.96 -13.82 26.42
N GLY A 317 9.99 -12.61 25.88
CA GLY A 317 8.78 -11.95 25.46
C GLY A 317 8.26 -11.04 26.56
N SER A 318 7.25 -10.24 26.25
CA SER A 318 6.69 -9.31 27.25
C SER A 318 5.85 -10.04 28.30
N SER A 319 4.70 -10.56 27.90
CA SER A 319 3.83 -11.29 28.81
C SER A 319 4.17 -12.77 28.75
N ILE A 320 4.46 -13.36 29.90
CA ILE A 320 4.83 -14.76 29.97
C ILE A 320 3.65 -15.71 30.23
N MET A 321 3.61 -16.79 29.46
CA MET A 321 2.58 -17.82 29.58
C MET A 321 3.21 -19.12 29.09
N PRO A 322 3.18 -20.17 29.92
CA PRO A 322 3.76 -21.46 29.54
C PRO A 322 3.31 -21.93 28.16
N GLY A 323 4.26 -22.18 27.28
CA GLY A 323 3.94 -22.66 25.95
C GLY A 323 3.69 -21.59 24.91
N LYS A 324 3.42 -20.36 25.32
CA LYS A 324 3.15 -19.29 24.37
C LYS A 324 4.44 -18.72 23.77
N VAL A 325 4.47 -18.65 22.44
CA VAL A 325 5.63 -18.12 21.73
C VAL A 325 5.16 -17.08 20.71
N ASN A 326 5.50 -15.81 20.93
CA ASN A 326 5.11 -14.79 19.97
C ASN A 326 5.91 -15.01 18.70
N PRO A 327 5.27 -14.89 17.53
CA PRO A 327 5.94 -15.08 16.23
C PRO A 327 6.77 -13.86 15.84
N THR A 328 7.74 -13.53 16.69
CA THR A 328 8.57 -12.36 16.47
C THR A 328 9.30 -12.29 15.12
N GLN A 329 9.77 -13.43 14.61
CA GLN A 329 10.46 -13.39 13.31
C GLN A 329 9.48 -13.02 12.20
N VAL A 330 8.21 -13.37 12.35
CA VAL A 330 7.20 -13.02 11.33
C VAL A 330 6.97 -11.52 11.38
N GLU A 331 6.99 -10.96 12.59
CA GLU A 331 6.77 -9.54 12.76
C GLU A 331 7.90 -8.74 12.12
N ALA A 332 9.14 -9.16 12.32
CA ALA A 332 10.26 -8.44 11.73
C ALA A 332 10.18 -8.54 10.20
N LEU A 333 9.85 -9.72 9.70
CA LEU A 333 9.74 -9.92 8.25
C LEU A 333 8.64 -9.07 7.63
N THR A 334 7.45 -9.05 8.22
CA THR A 334 6.37 -8.26 7.67
C THR A 334 6.60 -6.75 7.79
N MET A 335 7.37 -6.32 8.80
CA MET A 335 7.68 -4.90 8.91
C MET A 335 8.62 -4.56 7.77
N VAL A 336 9.51 -5.49 7.42
CA VAL A 336 10.41 -5.24 6.29
C VAL A 336 9.55 -5.18 5.02
N VAL A 337 8.55 -6.06 4.92
CA VAL A 337 7.70 -6.05 3.74
C VAL A 337 7.00 -4.72 3.53
N VAL A 338 6.41 -4.14 4.58
CA VAL A 338 5.74 -2.87 4.37
C VAL A 338 6.75 -1.77 4.01
N ARG A 339 7.98 -1.90 4.50
CA ARG A 339 9.02 -0.94 4.18
C ARG A 339 9.34 -1.07 2.69
N VAL A 340 9.45 -2.31 2.21
CA VAL A 340 9.74 -2.55 0.81
C VAL A 340 8.68 -1.99 -0.13
N TYR A 341 7.40 -2.10 0.23
CA TYR A 341 6.36 -1.55 -0.63
C TYR A 341 6.56 -0.05 -0.76
N GLY A 342 7.03 0.57 0.32
CA GLY A 342 7.27 2.01 0.30
C GLY A 342 8.46 2.30 -0.60
N ASN A 343 9.47 1.44 -0.53
CA ASN A 343 10.66 1.63 -1.38
C ASN A 343 10.26 1.57 -2.84
N ASP A 344 9.36 0.63 -3.17
CA ASP A 344 8.90 0.50 -4.54
C ASP A 344 8.17 1.77 -4.97
N HIS A 345 7.34 2.30 -4.09
CA HIS A 345 6.59 3.52 -4.37
C HIS A 345 7.59 4.64 -4.71
N THR A 346 8.63 4.74 -3.90
CA THR A 346 9.64 5.77 -4.10
C THR A 346 10.35 5.62 -5.44
N VAL A 347 10.81 4.42 -5.73
CA VAL A 347 11.54 4.17 -6.97
C VAL A 347 10.70 4.43 -8.22
N ALA A 348 9.47 3.92 -8.25
CA ALA A 348 8.59 4.12 -9.41
C ALA A 348 8.17 5.57 -9.59
N PHE A 349 7.98 6.28 -8.49
CA PHE A 349 7.58 7.68 -8.52
C PHE A 349 8.74 8.44 -9.18
N ALA A 350 9.94 8.26 -8.65
CA ALA A 350 11.13 8.91 -9.19
C ALA A 350 11.35 8.56 -10.67
N GLY A 351 11.06 7.31 -11.01
CA GLY A 351 11.24 6.86 -12.38
C GLY A 351 10.40 7.59 -13.41
N SER A 352 9.26 8.12 -12.99
CA SER A 352 8.36 8.83 -13.91
C SER A 352 8.73 10.30 -14.05
N GLN A 353 9.68 10.75 -13.24
CA GLN A 353 10.05 12.17 -13.22
C GLN A 353 11.27 12.65 -14.00
N GLY A 354 11.76 11.85 -14.94
CA GLY A 354 12.91 12.28 -15.71
C GLY A 354 12.53 13.45 -16.59
N ASN A 355 13.50 14.29 -16.95
CA ASN A 355 13.22 15.44 -17.82
C ASN A 355 14.28 15.52 -18.91
N PHE A 356 13.82 15.64 -20.15
CA PHE A 356 14.72 15.75 -21.29
C PHE A 356 15.78 14.65 -21.30
N GLN A 357 17.05 15.05 -21.36
CA GLN A 357 18.14 14.06 -21.44
C GLN A 357 18.67 13.47 -20.14
N LEU A 358 18.01 13.72 -19.02
CA LEU A 358 18.54 13.15 -17.79
C LEU A 358 17.52 13.02 -16.66
N ASN A 359 17.45 11.83 -16.07
CA ASN A 359 16.57 11.63 -14.93
C ASN A 359 17.47 12.01 -13.76
N VAL A 360 17.08 13.00 -12.96
CA VAL A 360 17.90 13.40 -11.83
C VAL A 360 17.40 12.99 -10.45
N TYR A 361 17.06 11.70 -10.34
CA TYR A 361 16.62 11.08 -9.10
C TYR A 361 17.44 9.80 -8.95
N LYS A 362 18.56 9.70 -9.66
CA LYS A 362 19.34 8.46 -9.63
C LYS A 362 19.75 7.91 -8.26
N PRO A 363 20.35 8.74 -7.39
CA PRO A 363 20.75 8.21 -6.08
C PRO A 363 19.64 7.57 -5.25
N VAL A 364 18.49 8.23 -5.18
CA VAL A 364 17.40 7.68 -4.37
C VAL A 364 16.78 6.44 -5.00
N MET A 365 16.78 6.35 -6.33
CA MET A 365 16.24 5.17 -6.99
C MET A 365 17.14 3.97 -6.67
N ALA A 366 18.45 4.18 -6.76
CA ALA A 366 19.40 3.11 -6.46
C ALA A 366 19.37 2.75 -4.99
N TYR A 367 19.33 3.77 -4.13
CA TYR A 367 19.32 3.53 -2.70
C TYR A 367 18.12 2.72 -2.21
N SER A 368 16.92 3.13 -2.61
CA SER A 368 15.73 2.42 -2.17
C SER A 368 15.66 1.00 -2.69
N THR A 369 16.25 0.75 -3.85
CA THR A 369 16.24 -0.61 -4.37
C THR A 369 17.23 -1.46 -3.57
N LEU A 370 18.42 -0.91 -3.30
CA LEU A 370 19.42 -1.65 -2.53
C LEU A 370 18.94 -1.89 -1.10
N GLU A 371 18.24 -0.91 -0.53
CA GLU A 371 17.73 -1.07 0.82
C GLU A 371 16.77 -2.25 0.86
N SER A 372 15.92 -2.35 -0.15
CA SER A 372 14.95 -3.44 -0.22
C SER A 372 15.67 -4.79 -0.32
N ILE A 373 16.70 -4.84 -1.15
CA ILE A 373 17.48 -6.06 -1.33
C ILE A 373 18.15 -6.49 -0.03
N ASN A 374 18.79 -5.55 0.64
CA ASN A 374 19.49 -5.85 1.88
C ASN A 374 18.57 -6.21 3.05
N LEU A 375 17.47 -5.48 3.21
CA LEU A 375 16.55 -5.78 4.30
C LEU A 375 15.87 -7.12 4.09
N LEU A 376 15.45 -7.39 2.86
CA LEU A 376 14.81 -8.66 2.56
C LEU A 376 15.79 -9.82 2.76
N ALA A 377 17.03 -9.63 2.30
CA ALA A 377 18.04 -10.67 2.47
C ALA A 377 18.24 -10.94 3.96
N ASP A 378 18.33 -9.86 4.75
CA ASP A 378 18.51 -9.98 6.19
C ASP A 378 17.33 -10.71 6.84
N ALA A 379 16.12 -10.21 6.58
CA ALA A 379 14.91 -10.76 7.19
C ALA A 379 14.55 -12.18 6.74
N VAL A 380 14.74 -12.47 5.46
CA VAL A 380 14.43 -13.81 4.96
C VAL A 380 15.39 -14.80 5.61
N ALA A 381 16.67 -14.45 5.67
CA ALA A 381 17.66 -15.34 6.28
C ALA A 381 17.37 -15.55 7.76
N SER A 382 16.95 -14.50 8.45
CA SER A 382 16.64 -14.56 9.87
C SER A 382 15.41 -15.43 10.12
N PHE A 383 14.36 -15.17 9.35
CA PHE A 383 13.11 -15.90 9.44
C PHE A 383 13.36 -17.39 9.16
N ASP A 384 14.21 -17.66 8.18
CA ASP A 384 14.55 -19.03 7.79
C ASP A 384 15.25 -19.74 8.95
N ALA A 385 16.35 -19.17 9.42
CA ALA A 385 17.13 -19.78 10.50
C ALA A 385 16.46 -19.83 11.87
N HIS A 386 15.75 -18.77 12.23
CA HIS A 386 15.14 -18.70 13.55
C HIS A 386 13.67 -19.09 13.68
N LEU A 387 13.05 -19.51 12.57
CA LEU A 387 11.65 -19.93 12.64
C LEU A 387 11.29 -21.03 11.65
N ALA A 388 11.41 -20.75 10.35
CA ALA A 388 11.05 -21.71 9.31
C ALA A 388 11.65 -23.10 9.51
N GLN A 389 12.95 -23.17 9.81
CA GLN A 389 13.63 -24.43 10.00
C GLN A 389 13.13 -25.20 11.23
N GLY A 390 12.42 -24.51 12.11
CA GLY A 390 11.92 -25.14 13.32
C GLY A 390 10.43 -25.41 13.34
N ILE A 391 9.76 -25.20 12.21
CA ILE A 391 8.32 -25.43 12.16
C ILE A 391 8.00 -26.90 12.39
N GLU A 392 7.07 -27.16 13.30
CA GLU A 392 6.64 -28.53 13.61
C GLU A 392 5.12 -28.55 13.69
N PRO A 393 4.50 -29.68 13.33
CA PRO A 393 3.04 -29.74 13.38
C PRO A 393 2.55 -30.07 14.79
N ASN A 394 1.32 -29.65 15.07
CA ASN A 394 0.69 -29.95 16.34
C ASN A 394 -0.34 -31.00 15.95
N LEU A 395 0.12 -32.25 15.85
CA LEU A 395 -0.72 -33.36 15.44
C LEU A 395 -2.09 -33.44 16.11
N GLU A 396 -2.12 -33.30 17.42
CA GLU A 396 -3.39 -33.37 18.16
C GLU A 396 -4.40 -32.32 17.71
N ARG A 397 -3.97 -31.07 17.62
CA ARG A 397 -4.88 -30.00 17.21
C ARG A 397 -5.32 -30.21 15.77
N ILE A 398 -4.39 -30.59 14.90
CA ILE A 398 -4.71 -30.81 13.50
C ILE A 398 -5.80 -31.87 13.38
N GLU A 399 -5.65 -32.96 14.14
CA GLU A 399 -6.61 -34.04 14.10
C GLU A 399 -7.96 -33.61 14.69
N GLU A 400 -7.92 -32.80 15.74
CA GLU A 400 -9.15 -32.32 16.37
C GLU A 400 -10.05 -31.63 15.35
N TYR A 401 -9.47 -30.76 14.54
CA TYR A 401 -10.22 -30.03 13.52
C TYR A 401 -10.71 -30.93 12.39
N LEU A 402 -9.82 -31.79 11.91
CA LEU A 402 -10.15 -32.69 10.82
C LEU A 402 -11.36 -33.57 11.12
N GLN A 403 -11.40 -34.13 12.33
CA GLN A 403 -12.50 -35.00 12.71
C GLN A 403 -13.88 -34.33 12.66
N LYS A 404 -13.90 -33.00 12.71
CA LYS A 404 -15.16 -32.27 12.66
C LYS A 404 -15.50 -31.84 11.24
N ASN A 405 -14.58 -32.07 10.31
CA ASN A 405 -14.78 -31.69 8.92
C ASN A 405 -15.87 -32.55 8.29
N PRO A 406 -16.88 -31.90 7.68
CA PRO A 406 -18.00 -32.59 7.04
C PRO A 406 -17.61 -33.56 5.92
N MET A 407 -16.49 -33.30 5.26
CA MET A 407 -16.03 -34.16 4.17
C MET A 407 -15.76 -35.59 4.62
N LEU A 408 -15.29 -35.74 5.86
CA LEU A 408 -15.01 -37.07 6.38
C LEU A 408 -16.30 -37.82 6.65
N ALA A 409 -17.40 -37.08 6.73
CA ALA A 409 -18.70 -37.67 6.99
C ALA A 409 -19.43 -38.02 5.70
N THR A 410 -18.89 -37.60 4.56
CA THR A 410 -19.50 -37.88 3.27
C THR A 410 -19.33 -39.35 2.89
N ALA A 411 -18.24 -39.96 3.35
CA ALA A 411 -17.96 -41.36 3.06
C ALA A 411 -18.89 -42.27 3.87
N LEU A 412 -19.51 -41.71 4.89
CA LEU A 412 -20.43 -42.47 5.75
C LEU A 412 -21.86 -42.42 5.21
N ASN A 413 -22.26 -41.26 4.69
CA ASN A 413 -23.60 -41.09 4.16
C ASN A 413 -23.92 -42.15 3.10
N LYS A 414 -22.91 -42.51 2.31
CA LYS A 414 -23.09 -43.52 1.27
C LYS A 414 -22.51 -44.86 1.68
N ALA A 415 -22.38 -45.08 2.98
CA ALA A 415 -21.83 -46.32 3.51
C ALA A 415 -22.80 -46.95 4.51
N ILE A 416 -23.54 -46.11 5.24
CA ILE A 416 -24.50 -46.59 6.22
C ILE A 416 -25.77 -45.74 6.21
N GLY A 417 -25.88 -44.86 5.22
CA GLY A 417 -27.05 -44.00 5.12
C GLY A 417 -26.76 -42.57 5.51
N TYR A 418 -27.53 -41.63 4.97
CA TYR A 418 -27.35 -40.22 5.27
C TYR A 418 -27.79 -39.86 6.68
N ASP A 419 -28.86 -40.52 7.14
CA ASP A 419 -29.37 -40.27 8.48
C ASP A 419 -28.47 -40.92 9.53
N LYS A 420 -28.07 -42.16 9.28
CA LYS A 420 -27.20 -42.90 10.19
C LYS A 420 -25.80 -42.32 10.18
N ALA A 421 -25.56 -41.36 9.28
CA ALA A 421 -24.26 -40.72 9.16
C ALA A 421 -24.34 -39.33 9.77
N ALA A 422 -25.47 -38.66 9.56
CA ALA A 422 -25.68 -37.32 10.09
C ALA A 422 -25.90 -37.42 11.60
N GLU A 423 -26.33 -38.59 12.04
CA GLU A 423 -26.58 -38.84 13.46
C GLU A 423 -25.24 -38.96 14.19
N ILE A 424 -24.26 -39.53 13.50
CA ILE A 424 -22.92 -39.69 14.08
C ILE A 424 -22.28 -38.31 14.20
N VAL A 425 -22.86 -37.35 13.49
CA VAL A 425 -22.37 -35.97 13.50
C VAL A 425 -22.98 -35.23 14.69
N LYS A 426 -24.13 -35.70 15.16
CA LYS A 426 -24.79 -35.08 16.30
C LYS A 426 -24.32 -35.75 17.59
N LYS A 427 -23.43 -36.72 17.44
CA LYS A 427 -22.90 -37.46 18.58
C LYS A 427 -21.44 -37.09 18.81
N ALA A 428 -20.62 -37.23 17.77
CA ALA A 428 -19.20 -36.91 17.86
C ALA A 428 -18.96 -35.43 17.63
N LEU A 429 -19.88 -34.60 18.13
CA LEU A 429 -19.77 -33.15 18.00
C LEU A 429 -20.34 -32.46 19.23
N LYS A 430 -21.67 -32.42 19.30
CA LYS A 430 -22.35 -31.79 20.43
C LYS A 430 -22.55 -32.77 21.57
N LYS A 433 -16.70 -36.82 21.06
CA LYS A 433 -15.63 -36.13 20.33
C LYS A 433 -15.27 -36.62 18.94
N THR A 434 -14.57 -37.75 18.86
CA THR A 434 -14.15 -38.29 17.57
C THR A 434 -15.26 -39.09 16.91
N LEU A 435 -15.36 -38.96 15.59
CA LEU A 435 -16.37 -39.68 14.82
C LEU A 435 -16.16 -41.19 14.90
N LYS A 436 -14.90 -41.58 15.00
CA LYS A 436 -14.55 -43.00 15.09
C LYS A 436 -15.10 -43.61 16.37
N GLN A 437 -15.41 -42.75 17.34
CA GLN A 437 -15.95 -43.20 18.62
C GLN A 437 -17.47 -43.27 18.59
N ALA A 438 -18.09 -42.23 18.02
CA ALA A 438 -19.54 -42.16 17.92
C ALA A 438 -20.10 -43.36 17.19
N ALA A 439 -19.46 -43.73 16.08
CA ALA A 439 -19.90 -44.87 15.27
C ALA A 439 -19.78 -46.16 16.08
N LEU A 440 -18.82 -46.20 17.00
CA LEU A 440 -18.60 -47.37 17.84
C LEU A 440 -19.63 -47.48 18.95
N GLU A 441 -19.84 -46.37 19.66
CA GLU A 441 -20.80 -46.33 20.75
C GLU A 441 -22.22 -46.64 20.29
N LEU A 442 -22.49 -46.39 19.01
CA LEU A 442 -23.81 -46.64 18.45
C LEU A 442 -23.89 -48.00 17.77
N GLY A 443 -22.73 -48.64 17.62
CA GLY A 443 -22.69 -49.96 16.98
C GLY A 443 -22.86 -49.90 15.48
N TYR A 444 -23.15 -48.70 14.97
CA TYR A 444 -23.33 -48.51 13.54
C TYR A 444 -22.13 -48.96 12.73
N LEU A 445 -20.97 -48.99 13.36
CA LEU A 445 -19.74 -49.41 12.69
C LEU A 445 -18.62 -49.67 13.69
N THR A 446 -17.70 -50.56 13.32
CA THR A 446 -16.56 -50.88 14.19
C THR A 446 -15.38 -49.99 13.82
N GLU A 447 -14.41 -49.89 14.74
CA GLU A 447 -13.24 -49.05 14.51
C GLU A 447 -12.41 -49.59 13.34
N GLU A 448 -12.50 -50.89 13.10
CA GLU A 448 -11.76 -51.53 12.02
C GLU A 448 -12.34 -51.14 10.66
N GLU A 449 -13.66 -51.24 10.54
CA GLU A 449 -14.33 -50.90 9.29
C GLU A 449 -14.34 -49.39 9.07
N PHE A 450 -14.38 -48.63 10.17
CA PHE A 450 -14.39 -47.17 10.09
C PHE A 450 -13.21 -46.66 9.29
N ASP A 451 -12.00 -46.92 9.79
CA ASP A 451 -10.78 -46.49 9.12
C ASP A 451 -10.67 -47.04 7.71
N ARG A 452 -11.58 -47.95 7.35
CA ARG A 452 -11.57 -48.56 6.02
C ARG A 452 -12.50 -47.76 5.11
N ILE A 453 -13.50 -47.13 5.71
CA ILE A 453 -14.48 -46.33 4.97
C ILE A 453 -14.05 -44.86 4.94
N VAL A 454 -13.48 -44.38 6.05
CA VAL A 454 -13.04 -43.00 6.15
C VAL A 454 -11.53 -42.89 6.02
N VAL A 455 -11.07 -42.51 4.84
CA VAL A 455 -9.64 -42.34 4.58
C VAL A 455 -9.38 -40.89 4.15
N PRO A 456 -9.19 -40.00 5.12
CA PRO A 456 -8.94 -38.57 4.88
C PRO A 456 -7.95 -38.28 3.76
N MET A 457 -6.87 -39.06 3.69
CA MET A 457 -5.87 -38.86 2.66
C MET A 457 -6.47 -38.95 1.26
N ARG A 458 -7.50 -39.77 1.11
CA ARG A 458 -8.16 -39.92 -0.19
C ARG A 458 -8.78 -38.59 -0.61
N LEU A 459 -9.18 -37.81 0.38
CA LEU A 459 -9.80 -36.50 0.13
C LEU A 459 -8.73 -35.46 -0.17
N ALA A 460 -7.59 -35.58 0.52
CA ALA A 460 -6.48 -34.64 0.34
C ALA A 460 -5.75 -34.92 -0.97
N LYS A 461 -5.77 -36.17 -1.40
CA LYS A 461 -5.11 -36.58 -2.63
C LYS A 461 -6.06 -37.47 -3.44
N PRO A 462 -7.13 -36.87 -4.00
CA PRO A 462 -8.14 -37.57 -4.79
C PRO A 462 -7.63 -38.10 -6.13
N HIS A 463 -6.51 -37.54 -6.60
CA HIS A 463 -5.95 -37.96 -7.88
C HIS A 463 -4.70 -38.81 -7.67
N ARG B 4 -30.86 19.42 -33.95
CA ARG B 4 -30.78 20.80 -34.50
C ARG B 4 -29.36 21.11 -34.97
N ILE B 5 -29.18 22.29 -35.54
CA ILE B 5 -27.88 22.72 -36.05
C ILE B 5 -27.45 24.07 -35.49
N GLU B 6 -26.42 24.08 -34.66
CA GLU B 6 -25.91 25.32 -34.09
C GLU B 6 -24.80 25.84 -34.98
N ARG B 7 -24.68 27.16 -35.07
CA ARG B 7 -23.67 27.78 -35.93
C ARG B 7 -22.78 28.79 -35.21
N ASP B 8 -21.47 28.61 -35.32
CA ASP B 8 -20.51 29.53 -34.71
C ASP B 8 -19.37 29.81 -35.68
N THR B 9 -18.42 30.65 -35.27
CA THR B 9 -17.29 31.00 -36.12
C THR B 9 -16.42 29.80 -36.51
N MET B 10 -16.64 28.68 -35.85
CA MET B 10 -15.88 27.46 -36.14
C MET B 10 -16.59 26.57 -37.15
N GLY B 11 -17.86 26.86 -37.41
CA GLY B 11 -18.63 26.07 -38.35
C GLY B 11 -19.98 25.64 -37.79
N GLU B 12 -20.67 24.79 -38.54
CA GLU B 12 -21.98 24.30 -38.12
C GLU B 12 -21.85 22.89 -37.54
N VAL B 13 -22.59 22.64 -36.47
CA VAL B 13 -22.56 21.33 -35.82
C VAL B 13 -23.96 20.82 -35.55
N ARG B 14 -24.15 19.51 -35.68
CA ARG B 14 -25.43 18.89 -35.45
C ARG B 14 -25.52 18.34 -34.03
N VAL B 15 -26.52 18.79 -33.29
CA VAL B 15 -26.73 18.37 -31.92
C VAL B 15 -28.11 17.74 -31.78
N PRO B 16 -28.22 16.67 -30.99
CA PRO B 16 -29.53 16.02 -30.83
C PRO B 16 -30.59 17.05 -30.45
N ALA B 17 -31.68 17.09 -31.20
CA ALA B 17 -32.75 18.03 -30.98
C ALA B 17 -33.25 18.09 -29.53
N ASP B 18 -33.10 16.99 -28.81
CA ASP B 18 -33.54 16.93 -27.42
C ASP B 18 -32.47 17.32 -26.40
N LYS B 19 -31.23 17.43 -26.84
CA LYS B 19 -30.14 17.79 -25.93
C LYS B 19 -29.94 19.29 -25.84
N TYR B 20 -29.62 19.78 -24.64
CA TYR B 20 -29.43 21.20 -24.44
C TYR B 20 -27.98 21.69 -24.44
N TRP B 21 -27.02 20.80 -24.68
CA TRP B 21 -25.63 21.25 -24.74
C TRP B 21 -25.42 21.87 -26.12
N GLY B 22 -24.34 22.63 -26.28
CA GLY B 22 -24.09 23.28 -27.54
C GLY B 22 -23.07 22.65 -28.47
N ALA B 23 -22.60 23.43 -29.44
CA ALA B 23 -21.64 22.97 -30.42
C ALA B 23 -20.32 22.54 -29.81
N GLN B 24 -19.82 23.31 -28.84
CA GLN B 24 -18.55 22.99 -28.18
C GLN B 24 -18.60 21.64 -27.47
N THR B 25 -19.68 21.37 -26.76
CA THR B 25 -19.82 20.11 -26.05
C THR B 25 -19.97 18.95 -27.05
N GLN B 26 -20.69 19.21 -28.14
CA GLN B 26 -20.90 18.20 -29.17
C GLN B 26 -19.55 17.79 -29.77
N ARG B 27 -18.71 18.78 -30.03
CA ARG B 27 -17.39 18.52 -30.59
C ARG B 27 -16.56 17.75 -29.58
N SER B 28 -16.63 18.18 -28.32
CA SER B 28 -15.88 17.53 -27.25
C SER B 28 -16.34 16.08 -27.06
N LEU B 29 -17.65 15.86 -27.15
CA LEU B 29 -18.19 14.52 -26.99
C LEU B 29 -17.64 13.59 -28.07
N GLU B 30 -17.39 14.16 -29.24
CA GLU B 30 -16.87 13.37 -30.36
C GLU B 30 -15.35 13.24 -30.36
N ASN B 31 -14.66 14.12 -29.63
CA ASN B 31 -13.20 14.08 -29.60
C ASN B 31 -12.58 13.36 -28.40
N PHE B 32 -13.17 13.51 -27.22
CA PHE B 32 -12.65 12.88 -26.01
C PHE B 32 -13.29 11.50 -25.82
N ARG B 33 -12.53 10.46 -26.15
CA ARG B 33 -13.00 9.08 -26.08
C ARG B 33 -12.28 8.17 -25.09
N ILE B 34 -11.70 8.73 -24.03
CA ILE B 34 -10.99 7.91 -23.06
C ILE B 34 -11.87 7.55 -21.86
N GLY B 35 -12.09 6.25 -21.66
CA GLY B 35 -12.92 5.79 -20.55
C GLY B 35 -14.37 6.23 -20.59
N THR B 36 -14.95 6.26 -21.78
CA THR B 36 -16.34 6.68 -21.95
C THR B 36 -17.36 5.85 -21.17
N ASP B 37 -17.12 4.54 -21.08
CA ASP B 37 -18.06 3.65 -20.39
C ASP B 37 -18.16 3.81 -18.88
N ARG B 38 -17.04 3.89 -18.19
CA ARG B 38 -17.06 3.99 -16.74
C ARG B 38 -16.65 5.34 -16.14
N PHE B 39 -16.07 6.21 -16.95
CA PHE B 39 -15.60 7.48 -16.41
C PHE B 39 -16.31 8.77 -16.81
N ARG B 40 -17.63 8.74 -16.84
CA ARG B 40 -18.40 9.93 -17.14
C ARG B 40 -18.11 10.88 -15.97
N MET B 41 -17.97 12.17 -16.26
CA MET B 41 -17.69 13.14 -15.20
C MET B 41 -18.76 12.95 -14.11
N PRO B 42 -18.33 12.83 -12.84
CA PRO B 42 -19.25 12.66 -11.71
C PRO B 42 -20.35 13.71 -11.66
N LEU B 43 -21.59 13.29 -11.52
CA LEU B 43 -22.70 14.23 -11.45
C LEU B 43 -22.60 15.18 -10.26
N GLU B 44 -21.89 14.75 -9.22
CA GLU B 44 -21.73 15.62 -8.05
C GLU B 44 -21.05 16.90 -8.48
N ILE B 45 -20.12 16.79 -9.43
CA ILE B 45 -19.40 17.94 -9.94
C ILE B 45 -20.35 18.83 -10.77
N ILE B 46 -21.22 18.19 -11.54
CA ILE B 46 -22.19 18.92 -12.36
C ILE B 46 -23.17 19.69 -11.48
N ARG B 47 -23.72 19.01 -10.47
CA ARG B 47 -24.67 19.65 -9.56
C ARG B 47 -24.01 20.84 -8.87
N ALA B 48 -22.77 20.66 -8.43
CA ALA B 48 -22.05 21.72 -7.76
C ALA B 48 -21.80 22.87 -8.73
N TYR B 49 -21.54 22.54 -9.99
CA TYR B 49 -21.30 23.57 -11.00
C TYR B 49 -22.58 24.39 -11.17
N GLY B 50 -23.72 23.71 -11.06
CA GLY B 50 -25.00 24.41 -11.18
C GLY B 50 -25.13 25.41 -10.05
N MET B 51 -24.71 25.00 -8.86
CA MET B 51 -24.76 25.88 -7.69
C MET B 51 -23.85 27.09 -7.90
N LEU B 52 -22.68 26.83 -8.47
CA LEU B 52 -21.70 27.88 -8.73
C LEU B 52 -22.23 28.89 -9.75
N LYS B 53 -22.76 28.38 -10.86
CA LYS B 53 -23.27 29.25 -11.92
C LYS B 53 -24.47 30.07 -11.43
N LYS B 54 -25.26 29.49 -10.53
CA LYS B 54 -26.42 30.19 -9.97
C LYS B 54 -25.92 31.34 -9.10
N ALA B 55 -24.94 31.07 -8.25
CA ALA B 55 -24.37 32.08 -7.38
C ALA B 55 -23.67 33.15 -8.20
N ALA B 56 -23.06 32.73 -9.31
CA ALA B 56 -22.34 33.65 -10.19
C ALA B 56 -23.30 34.63 -10.87
N ALA B 57 -24.43 34.12 -11.35
CA ALA B 57 -25.41 34.97 -12.02
C ALA B 57 -25.93 36.01 -11.02
N ARG B 58 -26.22 35.57 -9.81
CA ARG B 58 -26.72 36.46 -8.77
C ARG B 58 -25.69 37.52 -8.42
N ALA B 59 -24.43 37.10 -8.25
CA ALA B 59 -23.36 38.02 -7.92
C ALA B 59 -23.15 39.07 -9.00
N ASN B 60 -23.07 38.62 -10.25
CA ASN B 60 -22.87 39.55 -11.36
C ASN B 60 -24.04 40.51 -11.50
N LEU B 61 -25.26 40.01 -11.33
CA LEU B 61 -26.44 40.86 -11.42
C LEU B 61 -26.35 41.94 -10.37
N GLU B 62 -26.09 41.53 -9.13
CA GLU B 62 -25.99 42.46 -8.01
C GLU B 62 -24.85 43.46 -8.21
N LEU B 63 -23.79 43.05 -8.90
CA LEU B 63 -22.65 43.92 -9.14
C LEU B 63 -22.75 44.67 -10.46
N GLY B 64 -23.85 44.48 -11.18
CA GLY B 64 -24.05 45.16 -12.44
C GLY B 64 -23.16 44.65 -13.56
N GLU B 65 -23.03 43.33 -13.66
CA GLU B 65 -22.20 42.71 -14.69
C GLU B 65 -23.07 41.92 -15.67
N LEU B 66 -24.35 41.80 -15.35
CA LEU B 66 -25.29 41.06 -16.20
C LEU B 66 -26.65 41.72 -16.28
N PRO B 67 -27.31 41.63 -17.45
CA PRO B 67 -28.64 42.22 -17.61
C PRO B 67 -29.58 41.53 -16.63
N GLU B 68 -30.51 42.29 -16.06
CA GLU B 68 -31.46 41.75 -15.10
C GLU B 68 -32.22 40.49 -15.55
N GLU B 69 -32.94 40.60 -16.67
CA GLU B 69 -33.71 39.47 -17.16
C GLU B 69 -32.88 38.25 -17.52
N ILE B 70 -31.80 38.46 -18.27
CA ILE B 70 -30.93 37.34 -18.66
C ILE B 70 -30.37 36.65 -17.42
N ALA B 71 -30.00 37.45 -16.42
CA ALA B 71 -29.44 36.90 -15.18
C ALA B 71 -30.47 36.03 -14.46
N LYS B 72 -31.70 36.53 -14.37
CA LYS B 72 -32.77 35.80 -13.70
C LYS B 72 -33.08 34.48 -14.40
N ALA B 73 -32.95 34.48 -15.72
CA ALA B 73 -33.20 33.27 -16.50
C ALA B 73 -32.08 32.26 -16.25
N ILE B 74 -30.86 32.76 -16.11
CA ILE B 74 -29.71 31.90 -15.86
C ILE B 74 -29.86 31.29 -14.47
N ILE B 75 -30.20 32.12 -13.50
CA ILE B 75 -30.39 31.66 -12.12
C ILE B 75 -31.41 30.53 -12.08
N GLN B 76 -32.47 30.66 -12.87
CA GLN B 76 -33.51 29.64 -12.91
C GLN B 76 -32.99 28.35 -13.56
N ALA B 77 -32.31 28.51 -14.70
CA ALA B 77 -31.76 27.37 -15.41
C ALA B 77 -30.73 26.64 -14.56
N ALA B 78 -29.90 27.40 -13.86
CA ALA B 78 -28.87 26.84 -13.01
C ALA B 78 -29.49 26.01 -11.88
N GLU B 79 -30.50 26.57 -11.23
CA GLU B 79 -31.18 25.88 -10.14
C GLU B 79 -31.75 24.55 -10.62
N GLU B 80 -32.19 24.52 -11.88
CA GLU B 80 -32.73 23.30 -12.45
C GLU B 80 -31.64 22.24 -12.53
N VAL B 81 -30.42 22.68 -12.87
CA VAL B 81 -29.29 21.76 -12.96
C VAL B 81 -29.03 21.20 -11.56
N VAL B 82 -29.04 22.09 -10.57
CA VAL B 82 -28.81 21.69 -9.19
C VAL B 82 -29.81 20.62 -8.77
N GLN B 83 -31.06 20.79 -9.20
CA GLN B 83 -32.11 19.83 -8.87
C GLN B 83 -32.00 18.55 -9.68
N GLY B 84 -30.97 18.47 -10.52
CA GLY B 84 -30.75 17.27 -11.32
C GLY B 84 -31.69 17.07 -12.49
N LYS B 85 -32.33 18.15 -12.94
CA LYS B 85 -33.27 18.06 -14.04
C LYS B 85 -32.59 17.92 -15.41
N TRP B 86 -31.28 18.19 -15.46
CA TRP B 86 -30.56 18.09 -16.74
C TRP B 86 -29.35 17.16 -16.69
N ASP B 87 -29.35 16.19 -15.79
CA ASP B 87 -28.23 15.25 -15.67
C ASP B 87 -27.85 14.56 -16.99
N ASP B 88 -28.85 14.25 -17.80
CA ASP B 88 -28.61 13.56 -19.08
C ASP B 88 -28.02 14.44 -20.16
N HIS B 89 -27.74 15.70 -19.83
CA HIS B 89 -27.18 16.62 -20.81
C HIS B 89 -25.70 16.90 -20.57
N PHE B 90 -25.03 15.95 -19.91
CA PHE B 90 -23.60 16.05 -19.60
C PHE B 90 -23.00 14.69 -19.93
N PRO B 91 -22.53 14.49 -21.17
CA PRO B 91 -21.94 13.24 -21.63
C PRO B 91 -20.41 13.18 -21.72
N LEU B 92 -19.71 14.14 -21.12
CA LEU B 92 -18.26 14.16 -21.19
C LEU B 92 -17.56 13.30 -20.14
N VAL B 93 -16.38 12.79 -20.49
CA VAL B 93 -15.62 11.94 -19.57
C VAL B 93 -14.69 12.76 -18.67
N VAL B 94 -14.13 12.10 -17.67
CA VAL B 94 -13.22 12.72 -16.74
C VAL B 94 -11.90 13.06 -17.42
N PHE B 95 -11.47 12.18 -18.31
CA PHE B 95 -10.21 12.37 -19.01
C PHE B 95 -10.25 13.34 -20.21
N GLN B 96 -10.45 14.60 -19.88
CA GLN B 96 -10.49 15.70 -20.85
C GLN B 96 -9.28 16.58 -20.54
N THR B 97 -9.40 17.90 -20.67
CA THR B 97 -8.29 18.79 -20.35
C THR B 97 -8.11 18.77 -18.83
N GLY B 98 -6.87 18.96 -18.39
CA GLY B 98 -6.57 18.95 -16.96
C GLY B 98 -7.19 20.09 -16.18
N SER B 99 -7.83 21.01 -16.90
CA SER B 99 -8.48 22.17 -16.30
C SER B 99 -10.00 21.99 -16.26
N GLY B 100 -10.49 20.91 -16.87
CA GLY B 100 -11.92 20.66 -16.88
C GLY B 100 -12.66 21.68 -17.72
N THR B 101 -11.96 22.25 -18.69
CA THR B 101 -12.54 23.25 -19.59
C THR B 101 -13.77 22.74 -20.34
N GLN B 102 -13.71 21.51 -20.83
CA GLN B 102 -14.85 20.95 -21.57
C GLN B 102 -16.11 20.87 -20.72
N THR B 103 -15.96 20.46 -19.47
CA THR B 103 -17.11 20.37 -18.59
C THR B 103 -17.65 21.76 -18.23
N ASN B 104 -16.75 22.72 -18.04
CA ASN B 104 -17.20 24.07 -17.71
C ASN B 104 -18.06 24.59 -18.87
N MET B 105 -17.59 24.39 -20.09
CA MET B 105 -18.34 24.84 -21.26
C MET B 105 -19.63 24.04 -21.45
N ASN B 106 -19.61 22.79 -21.01
CA ASN B 106 -20.79 21.92 -21.11
C ASN B 106 -21.83 22.53 -20.18
N VAL B 107 -21.38 22.93 -19.00
CA VAL B 107 -22.26 23.55 -18.00
C VAL B 107 -22.77 24.89 -18.53
N ASN B 108 -21.87 25.68 -19.12
CA ASN B 108 -22.26 26.98 -19.66
C ASN B 108 -23.27 26.86 -20.79
N GLU B 109 -23.06 25.93 -21.72
CA GLU B 109 -23.97 25.75 -22.85
C GLU B 109 -25.35 25.27 -22.46
N VAL B 110 -25.42 24.27 -21.58
CA VAL B 110 -26.71 23.75 -21.14
C VAL B 110 -27.52 24.82 -20.43
N ILE B 111 -26.89 25.53 -19.50
CA ILE B 111 -27.56 26.58 -18.75
C ILE B 111 -27.93 27.74 -19.66
N ALA B 112 -27.08 28.03 -20.64
CA ALA B 112 -27.33 29.12 -21.57
C ALA B 112 -28.55 28.82 -22.45
N ASN B 113 -28.58 27.63 -23.04
CA ASN B 113 -29.69 27.23 -23.89
C ASN B 113 -31.01 27.21 -23.13
N ARG B 114 -30.99 26.68 -21.91
CA ARG B 114 -32.19 26.62 -21.10
C ARG B 114 -32.63 28.02 -20.71
N ALA B 115 -31.66 28.88 -20.42
CA ALA B 115 -31.94 30.26 -20.05
C ALA B 115 -32.59 30.97 -21.23
N SER B 116 -32.06 30.74 -22.43
CA SER B 116 -32.58 31.35 -23.65
C SER B 116 -34.00 30.87 -23.91
N GLU B 117 -34.26 29.59 -23.66
CA GLU B 117 -35.59 29.03 -23.87
C GLU B 117 -36.57 29.72 -22.92
N ILE B 118 -36.15 29.87 -21.67
CA ILE B 118 -36.99 30.52 -20.67
C ILE B 118 -37.33 31.94 -21.10
N LEU B 119 -36.39 32.57 -21.80
CA LEU B 119 -36.57 33.94 -22.27
C LEU B 119 -37.29 33.97 -23.61
N GLY B 120 -37.88 32.84 -23.99
CA GLY B 120 -38.61 32.76 -25.25
C GLY B 120 -37.72 32.73 -26.48
N LYS B 121 -36.59 32.03 -26.39
CA LYS B 121 -35.67 31.94 -27.51
C LYS B 121 -35.34 30.46 -27.77
N PRO B 122 -35.36 30.05 -29.05
CA PRO B 122 -35.06 28.66 -29.41
C PRO B 122 -33.62 28.29 -29.06
N LEU B 123 -33.39 27.01 -28.78
CA LEU B 123 -32.06 26.53 -28.41
C LEU B 123 -31.05 26.79 -29.54
N GLY B 124 -29.89 27.33 -29.16
CA GLY B 124 -28.85 27.60 -30.14
C GLY B 124 -28.72 29.07 -30.49
N SER B 125 -29.69 29.87 -30.04
CA SER B 125 -29.70 31.30 -30.31
C SER B 125 -28.60 32.05 -29.56
N LYS B 126 -28.27 31.56 -28.37
CA LYS B 126 -27.24 32.18 -27.53
C LYS B 126 -27.68 33.56 -27.04
N TYR B 127 -28.99 33.76 -26.93
CA TYR B 127 -29.52 35.03 -26.44
C TYR B 127 -28.85 35.22 -25.08
N ALA B 128 -28.82 34.13 -24.32
CA ALA B 128 -28.14 34.09 -23.03
C ALA B 128 -26.84 33.44 -23.50
N HIS B 129 -25.76 34.20 -23.51
CA HIS B 129 -24.48 33.70 -24.00
C HIS B 129 -23.74 32.82 -23.00
N PRO B 130 -23.33 31.60 -23.43
CA PRO B 130 -22.61 30.66 -22.58
C PRO B 130 -21.35 31.26 -21.95
N ASN B 131 -20.58 31.97 -22.76
CA ASN B 131 -19.34 32.56 -22.27
C ASN B 131 -19.48 33.99 -21.75
N ASP B 132 -20.12 34.85 -22.52
CA ASP B 132 -20.26 36.25 -22.10
C ASP B 132 -21.23 36.47 -20.95
N HIS B 133 -22.16 35.54 -20.75
CA HIS B 133 -23.14 35.66 -19.67
C HIS B 133 -22.99 34.63 -18.55
N VAL B 134 -23.25 33.36 -18.88
CA VAL B 134 -23.17 32.29 -17.90
C VAL B 134 -21.76 32.15 -17.31
N ASN B 135 -20.74 32.39 -18.14
CA ASN B 135 -19.36 32.27 -17.71
C ASN B 135 -18.71 33.62 -17.42
N ARG B 136 -19.55 34.63 -17.18
CA ARG B 136 -19.06 35.99 -16.91
C ARG B 136 -18.17 36.11 -15.69
N GLY B 137 -16.99 36.69 -15.88
CA GLY B 137 -16.05 36.87 -14.79
C GLY B 137 -15.46 35.57 -14.27
N GLN B 138 -15.56 34.52 -15.07
CA GLN B 138 -15.05 33.22 -14.66
C GLN B 138 -14.12 32.57 -15.67
N SER B 139 -13.40 31.56 -15.20
CA SER B 139 -12.50 30.79 -16.04
C SER B 139 -12.75 29.35 -15.64
N SER B 140 -12.34 28.41 -16.48
CA SER B 140 -12.52 27.02 -16.12
C SER B 140 -11.49 26.76 -15.02
N ASN B 141 -10.39 27.49 -15.08
CA ASN B 141 -9.29 27.35 -14.12
C ASN B 141 -9.69 27.52 -12.66
N ASP B 142 -10.55 28.50 -12.37
CA ASP B 142 -10.96 28.71 -10.99
C ASP B 142 -12.32 28.11 -10.67
N THR B 143 -13.20 27.99 -11.65
CA THR B 143 -14.52 27.43 -11.40
C THR B 143 -14.51 25.90 -11.24
N PHE B 144 -13.67 25.20 -12.00
CA PHE B 144 -13.67 23.75 -11.86
C PHE B 144 -13.26 23.34 -10.45
N PRO B 145 -12.12 23.86 -9.94
CA PRO B 145 -11.72 23.48 -8.59
C PRO B 145 -12.73 23.94 -7.55
N THR B 146 -13.43 25.03 -7.82
CA THR B 146 -14.43 25.53 -6.88
C THR B 146 -15.56 24.51 -6.85
N ALA B 147 -16.00 24.10 -8.02
CA ALA B 147 -17.07 23.11 -8.12
C ALA B 147 -16.69 21.78 -7.48
N MET B 148 -15.45 21.34 -7.70
CA MET B 148 -15.04 20.06 -7.14
C MET B 148 -14.88 20.10 -5.62
N TYR B 149 -14.43 21.22 -5.08
CA TYR B 149 -14.28 21.32 -3.62
C TYR B 149 -15.67 21.26 -2.99
N VAL B 150 -16.62 21.94 -3.60
CA VAL B 150 -17.99 21.94 -3.09
C VAL B 150 -18.58 20.54 -3.23
N ALA B 151 -18.34 19.90 -4.37
CA ALA B 151 -18.86 18.57 -4.62
C ALA B 151 -18.38 17.54 -3.60
N VAL B 152 -17.07 17.57 -3.31
CA VAL B 152 -16.53 16.63 -2.35
C VAL B 152 -17.06 16.89 -0.94
N ALA B 153 -17.08 18.16 -0.53
CA ALA B 153 -17.57 18.52 0.79
C ALA B 153 -19.02 18.05 0.97
N LEU B 154 -19.86 18.29 -0.04
CA LEU B 154 -21.25 17.87 0.06
C LEU B 154 -21.38 16.34 0.06
N ALA B 155 -20.55 15.66 -0.74
CA ALA B 155 -20.60 14.21 -0.80
C ALA B 155 -20.24 13.60 0.55
N LEU B 156 -19.35 14.25 1.28
CA LEU B 156 -18.96 13.75 2.58
C LEU B 156 -20.17 13.76 3.52
N HIS B 157 -20.86 14.90 3.56
CA HIS B 157 -22.04 15.05 4.42
C HIS B 157 -23.22 14.20 3.96
N GLN B 158 -23.43 14.15 2.65
CA GLN B 158 -24.55 13.41 2.10
C GLN B 158 -24.42 11.90 2.13
N ARG B 159 -23.22 11.37 1.94
CA ARG B 159 -23.06 9.93 1.90
C ARG B 159 -22.10 9.27 2.89
N LEU B 160 -20.86 9.77 2.96
CA LEU B 160 -19.89 9.14 3.86
C LEU B 160 -20.20 9.24 5.34
N TYR B 161 -20.46 10.45 5.83
CA TYR B 161 -20.73 10.64 7.25
C TYR B 161 -21.92 9.84 7.76
N PRO B 162 -23.06 9.89 7.05
CA PRO B 162 -24.23 9.13 7.51
C PRO B 162 -23.92 7.63 7.61
N ALA B 163 -23.18 7.12 6.64
CA ALA B 163 -22.83 5.70 6.62
C ALA B 163 -21.91 5.31 7.78
N VAL B 164 -20.83 6.08 7.98
CA VAL B 164 -19.90 5.77 9.05
C VAL B 164 -20.52 6.01 10.42
N GLU B 165 -21.26 7.11 10.56
CA GLU B 165 -21.92 7.41 11.83
C GLU B 165 -22.89 6.29 12.16
N GLY B 166 -23.51 5.72 11.13
CA GLY B 166 -24.44 4.63 11.34
C GLY B 166 -23.76 3.39 11.88
N LEU B 167 -22.62 3.04 11.30
CA LEU B 167 -21.87 1.87 11.75
C LEU B 167 -21.34 2.08 13.16
N ILE B 168 -20.95 3.32 13.47
CA ILE B 168 -20.46 3.63 14.81
C ILE B 168 -21.57 3.37 15.82
N ARG B 169 -22.79 3.79 15.49
CA ARG B 169 -23.93 3.58 16.39
C ARG B 169 -24.17 2.09 16.59
N THR B 170 -24.09 1.33 15.51
CA THR B 170 -24.28 -0.12 15.56
C THR B 170 -23.25 -0.78 16.48
N PHE B 171 -21.97 -0.48 16.25
CA PHE B 171 -20.92 -1.07 17.07
C PHE B 171 -21.05 -0.63 18.52
N THR B 172 -21.44 0.62 18.74
CA THR B 172 -21.61 1.11 20.10
C THR B 172 -22.71 0.33 20.81
N ALA B 173 -23.82 0.09 20.09
CA ALA B 173 -24.94 -0.65 20.66
C ALA B 173 -24.52 -2.09 21.00
N LYS B 174 -23.78 -2.71 20.10
CA LYS B 174 -23.31 -4.08 20.31
C LYS B 174 -22.32 -4.15 21.48
N ALA B 175 -21.48 -3.12 21.58
CA ALA B 175 -20.47 -3.06 22.64
C ALA B 175 -21.13 -3.00 24.02
N GLN B 176 -22.18 -2.21 24.14
CA GLN B 176 -22.89 -2.07 25.40
C GLN B 176 -23.61 -3.37 25.75
N ALA B 177 -24.22 -3.99 24.74
CA ALA B 177 -24.96 -5.22 24.94
C ALA B 177 -24.10 -6.44 25.30
N PHE B 178 -22.86 -6.46 24.81
CA PHE B 178 -21.98 -7.59 25.09
C PHE B 178 -20.86 -7.29 26.08
N ASP B 179 -20.99 -6.19 26.82
CA ASP B 179 -19.94 -5.83 27.76
C ASP B 179 -19.81 -6.71 29.00
N GLN B 180 -20.74 -7.66 29.17
CA GLN B 180 -20.68 -8.56 30.32
C GLN B 180 -20.12 -9.92 29.94
N ILE B 181 -19.80 -10.09 28.66
CA ILE B 181 -19.28 -11.36 28.17
C ILE B 181 -17.74 -11.35 28.17
N VAL B 182 -17.14 -12.06 29.12
CA VAL B 182 -15.69 -12.12 29.22
C VAL B 182 -15.15 -13.12 28.22
N LYS B 183 -14.01 -12.78 27.60
CA LYS B 183 -13.40 -13.64 26.60
C LYS B 183 -11.88 -13.49 26.58
N VAL B 184 -11.25 -14.32 25.75
CA VAL B 184 -9.80 -14.28 25.59
C VAL B 184 -9.39 -13.06 24.77
N GLY B 185 -8.34 -12.38 25.22
CA GLY B 185 -7.82 -11.23 24.52
C GLY B 185 -6.58 -11.77 23.79
N ARG B 186 -6.20 -11.16 22.68
CA ARG B 186 -5.06 -11.67 21.92
C ARG B 186 -4.08 -10.59 21.45
N THR B 187 -2.79 -10.87 21.62
CA THR B 187 -1.72 -9.96 21.18
C THR B 187 -0.73 -10.81 20.40
N HIS B 188 -0.28 -10.31 19.24
CA HIS B 188 0.65 -11.06 18.40
C HIS B 188 -0.07 -12.30 17.89
N LEU B 189 -1.40 -12.29 18.02
CA LEU B 189 -2.30 -13.39 17.63
C LEU B 189 -2.29 -14.49 18.69
N MET B 190 -1.59 -14.25 19.80
CA MET B 190 -1.48 -15.24 20.87
C MET B 190 -2.35 -14.90 22.07
N ASP B 191 -2.74 -15.94 22.82
CA ASP B 191 -3.56 -15.77 24.01
C ASP B 191 -2.86 -14.81 24.97
N ALA B 192 -3.55 -13.74 25.36
CA ALA B 192 -2.97 -12.76 26.26
C ALA B 192 -3.66 -12.76 27.62
N VAL B 193 -4.59 -11.84 27.81
CA VAL B 193 -5.35 -11.74 29.06
C VAL B 193 -6.81 -11.51 28.72
N PRO B 194 -7.70 -11.65 29.71
CA PRO B 194 -9.12 -11.45 29.46
C PRO B 194 -9.58 -10.03 29.13
N ILE B 195 -10.64 -9.96 28.34
CA ILE B 195 -11.29 -8.71 27.94
C ILE B 195 -12.75 -9.11 27.79
N THR B 196 -13.62 -8.16 27.45
CA THR B 196 -15.01 -8.50 27.23
C THR B 196 -15.28 -8.31 25.75
N LEU B 197 -16.28 -8.99 25.22
CA LEU B 197 -16.61 -8.85 23.81
C LEU B 197 -17.00 -7.40 23.54
N GLY B 198 -17.59 -6.76 24.56
CA GLY B 198 -17.99 -5.36 24.42
C GLY B 198 -16.80 -4.43 24.27
N GLN B 199 -15.72 -4.73 25.00
CA GLN B 199 -14.51 -3.91 24.90
C GLN B 199 -13.91 -4.07 23.50
N GLU B 200 -13.92 -5.30 23.00
CA GLU B 200 -13.38 -5.59 21.70
C GLU B 200 -14.14 -4.86 20.60
N ILE B 201 -15.46 -4.95 20.62
CA ILE B 201 -16.28 -4.29 19.61
C ILE B 201 -16.23 -2.78 19.78
N GLY B 202 -16.10 -2.33 21.03
CA GLY B 202 -16.02 -0.91 21.30
C GLY B 202 -14.78 -0.28 20.68
N SER B 203 -13.70 -1.06 20.59
CA SER B 203 -12.47 -0.53 20.01
C SER B 203 -12.68 -0.20 18.53
N TRP B 204 -13.51 -1.00 17.86
CA TRP B 204 -13.81 -0.75 16.45
C TRP B 204 -14.54 0.59 16.33
N ALA B 205 -15.54 0.80 17.18
CA ALA B 205 -16.28 2.04 17.15
C ALA B 205 -15.35 3.22 17.39
N ALA B 206 -14.40 3.06 18.31
CA ALA B 206 -13.44 4.12 18.61
C ALA B 206 -12.57 4.47 17.41
N GLN B 207 -12.08 3.46 16.69
CA GLN B 207 -11.26 3.73 15.52
C GLN B 207 -12.04 4.54 14.49
N LEU B 208 -13.31 4.19 14.30
CA LEU B 208 -14.14 4.91 13.34
C LEU B 208 -14.39 6.34 13.79
N LYS B 209 -14.57 6.55 15.08
CA LYS B 209 -14.78 7.90 15.59
C LYS B 209 -13.53 8.73 15.38
N THR B 210 -12.37 8.14 15.69
CA THR B 210 -11.10 8.82 15.53
C THR B 210 -10.80 9.17 14.07
N THR B 211 -10.93 8.21 13.17
CA THR B 211 -10.64 8.49 11.77
C THR B 211 -11.70 9.40 11.14
N LEU B 212 -12.95 9.24 11.54
CA LEU B 212 -14.00 10.10 11.00
C LEU B 212 -13.76 11.55 11.41
N ALA B 213 -13.32 11.75 12.65
CA ALA B 213 -13.05 13.09 13.15
C ALA B 213 -11.96 13.77 12.32
N ALA B 214 -10.96 13.00 11.91
CA ALA B 214 -9.87 13.55 11.10
C ALA B 214 -10.38 13.97 9.73
N VAL B 215 -11.28 13.18 9.15
CA VAL B 215 -11.84 13.52 7.84
C VAL B 215 -12.60 14.83 7.97
N LYS B 216 -13.38 14.96 9.03
CA LYS B 216 -14.16 16.17 9.25
C LYS B 216 -13.28 17.40 9.47
N GLU B 217 -12.10 17.20 10.03
CA GLU B 217 -11.19 18.32 10.24
C GLU B 217 -10.56 18.70 8.91
N MET B 218 -10.11 17.72 8.14
CA MET B 218 -9.50 18.01 6.84
C MET B 218 -10.52 18.65 5.90
N GLU B 219 -11.78 18.28 6.07
CA GLU B 219 -12.86 18.82 5.26
C GLU B 219 -12.85 20.35 5.24
N LYS B 220 -12.49 20.94 6.38
CA LYS B 220 -12.46 22.39 6.50
C LYS B 220 -11.56 23.06 5.48
N GLY B 221 -10.56 22.33 4.98
CA GLY B 221 -9.66 22.90 4.00
C GLY B 221 -10.39 23.17 2.69
N LEU B 222 -11.44 22.40 2.44
CA LEU B 222 -12.23 22.54 1.22
C LEU B 222 -13.10 23.79 1.18
N TYR B 223 -13.21 24.46 2.32
CA TYR B 223 -14.01 25.68 2.42
C TYR B 223 -13.32 26.85 1.72
N ASN B 224 -12.02 26.70 1.46
CA ASN B 224 -11.24 27.73 0.79
C ASN B 224 -11.32 27.50 -0.71
N LEU B 225 -12.10 28.34 -1.40
CA LEU B 225 -12.32 28.22 -2.83
C LEU B 225 -11.46 29.10 -3.72
N ALA B 226 -11.21 28.62 -4.94
CA ALA B 226 -10.40 29.34 -5.93
C ALA B 226 -11.20 30.42 -6.66
N ILE B 227 -12.52 30.35 -6.54
CA ILE B 227 -13.41 31.30 -7.22
C ILE B 227 -12.98 32.76 -7.08
N GLY B 228 -12.90 33.45 -8.22
CA GLY B 228 -12.52 34.84 -8.22
C GLY B 228 -11.12 35.10 -8.76
N GLY B 229 -10.29 34.06 -8.82
CA GLY B 229 -8.93 34.25 -9.32
C GLY B 229 -8.82 34.16 -10.82
N THR B 230 -9.92 33.78 -11.46
CA THR B 230 -10.01 33.61 -12.90
C THR B 230 -8.90 32.75 -13.52
N ALA B 231 -8.26 33.23 -14.58
CA ALA B 231 -7.22 32.47 -15.28
C ALA B 231 -5.97 32.04 -14.50
N VAL B 232 -5.32 32.97 -13.82
CA VAL B 232 -4.09 32.65 -13.09
C VAL B 232 -4.10 33.00 -11.60
N GLY B 233 -5.19 33.62 -11.15
CA GLY B 233 -5.29 33.98 -9.75
C GLY B 233 -5.35 35.48 -9.50
N THR B 234 -5.10 36.27 -10.54
CA THR B 234 -5.11 37.72 -10.42
C THR B 234 -6.53 38.29 -10.36
N GLY B 235 -7.49 37.53 -10.87
CA GLY B 235 -8.87 38.00 -10.86
C GLY B 235 -9.20 38.84 -12.08
N LEU B 236 -8.30 38.85 -13.06
CA LEU B 236 -8.51 39.62 -14.28
C LEU B 236 -9.81 39.18 -14.98
N ASN B 237 -10.59 40.17 -15.40
CA ASN B 237 -11.86 39.95 -16.11
C ASN B 237 -13.04 39.66 -15.19
N ALA B 238 -12.81 39.78 -13.89
CA ALA B 238 -13.87 39.54 -12.92
C ALA B 238 -13.98 40.77 -12.03
N HIS B 239 -15.18 41.06 -11.54
CA HIS B 239 -15.40 42.20 -10.66
C HIS B 239 -14.64 41.93 -9.36
N PRO B 240 -14.02 42.97 -8.79
CA PRO B 240 -13.26 42.84 -7.54
C PRO B 240 -14.00 42.11 -6.42
N ARG B 241 -15.33 42.16 -6.44
CA ARG B 241 -16.13 41.51 -5.41
C ARG B 241 -16.86 40.26 -5.88
N PHE B 242 -16.61 39.84 -7.12
CA PHE B 242 -17.28 38.66 -7.65
C PHE B 242 -17.01 37.40 -6.82
N GLY B 243 -15.74 37.09 -6.60
CA GLY B 243 -15.38 35.90 -5.84
C GLY B 243 -16.02 35.89 -4.46
N GLU B 244 -15.87 37.00 -3.74
CA GLU B 244 -16.43 37.13 -2.40
C GLU B 244 -17.91 36.80 -2.35
N LEU B 245 -18.69 37.41 -3.23
CA LEU B 245 -20.13 37.18 -3.25
C LEU B 245 -20.50 35.74 -3.63
N VAL B 246 -19.82 35.19 -4.64
CA VAL B 246 -20.11 33.83 -5.06
C VAL B 246 -19.91 32.88 -3.88
N ALA B 247 -18.80 33.07 -3.17
CA ALA B 247 -18.50 32.23 -2.00
C ALA B 247 -19.60 32.37 -0.96
N LYS B 248 -20.03 33.61 -0.70
CA LYS B 248 -21.08 33.87 0.28
C LYS B 248 -22.37 33.13 -0.07
N TYR B 249 -22.76 33.20 -1.33
CA TYR B 249 -23.98 32.55 -1.79
C TYR B 249 -23.86 31.03 -1.75
N LEU B 250 -22.67 30.51 -2.04
CA LEU B 250 -22.47 29.07 -1.99
C LEU B 250 -22.63 28.62 -0.54
N ALA B 251 -22.10 29.43 0.37
CA ALA B 251 -22.17 29.12 1.79
C ALA B 251 -23.61 29.14 2.27
N GLU B 252 -24.40 30.10 1.80
CA GLU B 252 -25.78 30.21 2.22
C GLU B 252 -26.60 29.03 1.70
N GLU B 253 -26.29 28.58 0.49
CA GLU B 253 -27.02 27.46 -0.11
C GLU B 253 -26.66 26.09 0.44
N THR B 254 -25.41 25.92 0.88
CA THR B 254 -24.96 24.64 1.40
C THR B 254 -24.95 24.53 2.92
N GLY B 255 -24.84 25.66 3.60
CA GLY B 255 -24.81 25.64 5.05
C GLY B 255 -23.39 25.42 5.54
N LEU B 256 -22.43 25.44 4.62
CA LEU B 256 -21.02 25.26 4.95
C LEU B 256 -20.34 26.62 4.81
N PRO B 257 -19.39 26.93 5.70
CA PRO B 257 -18.69 28.22 5.66
C PRO B 257 -17.68 28.42 4.52
N PHE B 258 -18.15 28.29 3.29
CA PHE B 258 -17.27 28.50 2.14
C PHE B 258 -16.80 29.95 2.09
N ARG B 259 -15.61 30.15 1.54
CA ARG B 259 -15.03 31.48 1.42
C ARG B 259 -13.96 31.43 0.35
N VAL B 260 -13.46 32.60 -0.05
CA VAL B 260 -12.41 32.69 -1.05
C VAL B 260 -11.09 32.38 -0.36
N ALA B 261 -10.27 31.54 -1.00
CA ALA B 261 -8.98 31.17 -0.43
C ALA B 261 -8.14 32.42 -0.19
N GLU B 262 -7.46 32.47 0.96
CA GLU B 262 -6.61 33.60 1.30
C GLU B 262 -5.64 33.88 0.14
N ASN B 263 -5.15 32.81 -0.49
CA ASN B 263 -4.25 32.96 -1.61
C ASN B 263 -4.87 32.25 -2.82
N ARG B 264 -5.36 33.04 -3.77
CA ARG B 264 -6.00 32.52 -4.97
C ARG B 264 -5.06 31.85 -5.96
N PHE B 265 -3.79 32.24 -5.91
CA PHE B 265 -2.81 31.65 -6.82
C PHE B 265 -2.58 30.19 -6.44
N ALA B 266 -2.39 29.94 -5.15
CA ALA B 266 -2.16 28.58 -4.66
C ALA B 266 -3.41 27.72 -4.87
N ALA B 267 -4.58 28.35 -4.86
CA ALA B 267 -5.84 27.64 -5.04
C ALA B 267 -5.99 27.13 -6.47
N LEU B 268 -5.20 27.66 -7.39
CA LEU B 268 -5.24 27.23 -8.78
C LEU B 268 -4.06 26.31 -9.10
N ALA B 269 -2.91 26.62 -8.51
CA ALA B 269 -1.68 25.86 -8.74
C ALA B 269 -1.61 24.53 -8.00
N ALA B 270 -2.48 24.34 -7.02
CA ALA B 270 -2.47 23.11 -6.23
C ALA B 270 -3.82 22.88 -5.57
N HIS B 271 -4.02 21.65 -5.10
CA HIS B 271 -5.25 21.30 -4.41
C HIS B 271 -4.85 20.45 -3.22
N ASP B 272 -3.91 20.99 -2.45
CA ASP B 272 -3.38 20.32 -1.27
C ASP B 272 -4.48 20.01 -0.26
N GLU B 273 -5.52 20.85 -0.20
CA GLU B 273 -6.60 20.60 0.74
C GLU B 273 -7.34 19.33 0.37
N LEU B 274 -7.52 19.09 -0.93
CA LEU B 274 -8.22 17.89 -1.38
C LEU B 274 -7.34 16.67 -1.12
N VAL B 275 -6.03 16.82 -1.33
CA VAL B 275 -5.12 15.72 -1.08
C VAL B 275 -5.24 15.29 0.39
N ASN B 276 -5.28 16.24 1.31
CA ASN B 276 -5.38 15.89 2.72
C ASN B 276 -6.71 15.25 3.06
N VAL B 277 -7.79 15.66 2.40
CA VAL B 277 -9.08 15.06 2.66
C VAL B 277 -9.03 13.59 2.20
N MET B 278 -8.48 13.35 1.02
CA MET B 278 -8.38 11.98 0.51
C MET B 278 -7.49 11.15 1.44
N GLY B 279 -6.44 11.77 1.95
CA GLY B 279 -5.55 11.05 2.85
C GLY B 279 -6.26 10.58 4.11
N ALA B 280 -7.10 11.43 4.67
CA ALA B 280 -7.85 11.05 5.88
C ALA B 280 -8.87 9.96 5.54
N ILE B 281 -9.41 10.00 4.33
CA ILE B 281 -10.38 8.98 3.92
C ILE B 281 -9.63 7.65 3.82
N ARG B 282 -8.39 7.72 3.34
CA ARG B 282 -7.58 6.53 3.22
C ARG B 282 -7.36 5.90 4.61
N THR B 283 -7.08 6.74 5.60
CA THR B 283 -6.85 6.24 6.96
C THR B 283 -8.12 5.59 7.51
N LEU B 284 -9.26 6.19 7.20
CA LEU B 284 -10.55 5.64 7.62
C LEU B 284 -10.71 4.26 6.99
N ALA B 285 -10.33 4.15 5.72
CA ALA B 285 -10.43 2.88 5.01
C ALA B 285 -9.54 1.84 5.68
N GLY B 286 -8.35 2.27 6.11
CA GLY B 286 -7.44 1.35 6.78
C GLY B 286 -8.04 0.80 8.05
N ALA B 287 -8.77 1.65 8.77
CA ALA B 287 -9.41 1.22 10.02
C ALA B 287 -10.53 0.23 9.69
N LEU B 288 -11.23 0.47 8.59
CA LEU B 288 -12.32 -0.43 8.18
C LEU B 288 -11.76 -1.79 7.80
N MET B 289 -10.55 -1.83 7.25
CA MET B 289 -9.93 -3.11 6.89
C MET B 289 -9.57 -3.85 8.19
N LYS B 290 -9.00 -3.12 9.13
CA LYS B 290 -8.61 -3.71 10.42
C LYS B 290 -9.86 -4.32 11.06
N ILE B 291 -10.92 -3.52 11.15
CA ILE B 291 -12.18 -3.96 11.73
C ILE B 291 -12.76 -5.13 10.94
N GLY B 292 -12.82 -4.99 9.62
CA GLY B 292 -13.36 -6.06 8.79
C GLY B 292 -12.63 -7.37 8.99
N ASN B 293 -11.30 -7.31 9.04
CA ASN B 293 -10.52 -8.52 9.24
C ASN B 293 -10.77 -9.12 10.62
N ASP B 294 -10.84 -8.28 11.65
CA ASP B 294 -11.11 -8.77 13.01
C ASP B 294 -12.43 -9.56 12.95
N VAL B 295 -13.43 -8.99 12.29
CA VAL B 295 -14.73 -9.62 12.18
C VAL B 295 -14.66 -11.00 11.53
N ARG B 296 -14.04 -11.12 10.37
CA ARG B 296 -13.99 -12.44 9.74
C ARG B 296 -13.10 -13.42 10.51
N TRP B 297 -12.07 -12.93 11.20
CA TRP B 297 -11.25 -13.85 11.97
C TRP B 297 -12.01 -14.33 13.20
N LEU B 298 -12.74 -13.43 13.86
CA LEU B 298 -13.50 -13.82 15.04
C LEU B 298 -14.63 -14.79 14.65
N ALA B 299 -15.13 -14.65 13.43
CA ALA B 299 -16.21 -15.49 12.96
C ALA B 299 -15.73 -16.73 12.23
N SER B 300 -14.43 -16.86 12.04
CA SER B 300 -13.87 -18.01 11.32
C SER B 300 -14.25 -19.35 11.94
N GLY B 301 -14.63 -20.29 11.08
CA GLY B 301 -15.02 -21.60 11.56
C GLY B 301 -15.71 -22.42 10.49
N PRO B 302 -16.72 -23.22 10.86
CA PRO B 302 -17.26 -23.38 12.22
C PRO B 302 -16.38 -23.99 13.30
N TYR B 303 -15.47 -24.88 12.95
CA TYR B 303 -14.65 -25.53 13.99
C TYR B 303 -13.13 -25.44 13.88
N ALA B 304 -12.60 -25.04 12.73
CA ALA B 304 -11.16 -24.97 12.57
C ALA B 304 -10.59 -23.56 12.68
N GLY B 305 -11.39 -22.62 13.16
CA GLY B 305 -10.92 -21.25 13.31
C GLY B 305 -11.08 -20.73 14.72
N ILE B 306 -11.48 -19.47 14.86
CA ILE B 306 -11.69 -18.87 16.17
C ILE B 306 -13.15 -19.07 16.54
N GLY B 307 -14.04 -18.52 15.72
CA GLY B 307 -15.47 -18.66 15.92
C GLY B 307 -16.08 -18.16 17.22
N GLU B 308 -15.63 -17.01 17.71
CA GLU B 308 -16.18 -16.47 18.95
C GLU B 308 -17.44 -15.65 18.70
N ILE B 309 -17.70 -15.33 17.43
CA ILE B 309 -18.92 -14.58 17.09
C ILE B 309 -19.52 -15.22 15.85
N THR B 310 -20.78 -14.92 15.59
CA THR B 310 -21.45 -15.43 14.40
C THR B 310 -21.96 -14.22 13.64
N ILE B 311 -22.09 -14.35 12.33
CA ILE B 311 -22.59 -13.27 11.50
C ILE B 311 -23.84 -13.77 10.80
N PRO B 312 -24.78 -12.86 10.49
CA PRO B 312 -26.02 -13.26 9.81
C PRO B 312 -25.82 -13.85 8.42
N ALA B 313 -26.70 -14.77 8.06
CA ALA B 313 -26.64 -15.42 6.76
C ALA B 313 -26.65 -14.37 5.66
N ASN B 314 -26.01 -14.68 4.53
CA ASN B 314 -25.94 -13.76 3.41
C ASN B 314 -27.27 -13.65 2.66
N GLU B 315 -28.07 -14.71 2.71
CA GLU B 315 -29.36 -14.72 2.05
C GLU B 315 -30.42 -15.30 2.98
N PRO B 316 -31.56 -14.60 3.12
CA PRO B 316 -32.63 -15.09 3.99
C PRO B 316 -33.20 -16.42 3.51
N ILE B 320 -27.45 -22.91 5.52
CA ILE B 320 -26.22 -22.48 6.19
C ILE B 320 -26.53 -22.05 7.62
N MET B 321 -26.06 -22.84 8.58
CA MET B 321 -26.29 -22.55 10.00
C MET B 321 -25.26 -21.57 10.55
N PRO B 322 -25.58 -20.90 11.68
CA PRO B 322 -24.68 -19.94 12.31
C PRO B 322 -23.28 -20.51 12.53
N GLY B 323 -22.27 -19.79 12.06
CA GLY B 323 -20.91 -20.25 12.23
C GLY B 323 -20.32 -20.85 10.95
N LYS B 324 -21.15 -20.96 9.92
CA LYS B 324 -20.71 -21.52 8.65
C LYS B 324 -20.95 -20.54 7.50
N VAL B 325 -21.29 -19.30 7.85
CA VAL B 325 -21.56 -18.27 6.87
C VAL B 325 -20.28 -17.62 6.35
N ASN B 326 -20.11 -17.58 5.03
CA ASN B 326 -18.92 -16.93 4.46
C ASN B 326 -19.08 -15.43 4.73
N PRO B 327 -18.00 -14.78 5.19
CA PRO B 327 -18.01 -13.34 5.50
C PRO B 327 -18.00 -12.45 4.25
N THR B 328 -19.03 -12.58 3.43
CA THR B 328 -19.16 -11.82 2.20
C THR B 328 -19.05 -10.31 2.35
N GLN B 329 -19.72 -9.74 3.34
CA GLN B 329 -19.68 -8.30 3.52
C GLN B 329 -18.26 -7.80 3.84
N VAL B 330 -17.45 -8.64 4.49
CA VAL B 330 -16.08 -8.25 4.81
C VAL B 330 -15.26 -8.21 3.53
N GLU B 331 -15.47 -9.22 2.68
CA GLU B 331 -14.76 -9.33 1.42
C GLU B 331 -15.08 -8.15 0.51
N ALA B 332 -16.35 -7.78 0.42
CA ALA B 332 -16.74 -6.66 -0.43
C ALA B 332 -16.15 -5.36 0.15
N LEU B 333 -16.21 -5.22 1.46
CA LEU B 333 -15.69 -4.02 2.12
C LEU B 333 -14.17 -3.89 1.94
N THR B 334 -13.43 -4.97 2.18
CA THR B 334 -11.97 -4.89 2.04
C THR B 334 -11.52 -4.73 0.60
N MET B 335 -12.32 -5.19 -0.36
CA MET B 335 -11.93 -4.99 -1.76
C MET B 335 -12.11 -3.51 -2.05
N VAL B 336 -13.12 -2.90 -1.45
CA VAL B 336 -13.33 -1.47 -1.62
C VAL B 336 -12.16 -0.73 -0.96
N VAL B 337 -11.73 -1.22 0.20
CA VAL B 337 -10.62 -0.57 0.89
C VAL B 337 -9.36 -0.54 0.04
N VAL B 338 -8.98 -1.66 -0.58
CA VAL B 338 -7.77 -1.64 -1.39
C VAL B 338 -7.92 -0.72 -2.60
N ARG B 339 -9.15 -0.59 -3.09
CA ARG B 339 -9.42 0.30 -4.21
C ARG B 339 -9.20 1.74 -3.71
N VAL B 340 -9.68 2.03 -2.50
CA VAL B 340 -9.53 3.37 -1.92
C VAL B 340 -8.07 3.75 -1.72
N TYR B 341 -7.23 2.81 -1.28
CA TYR B 341 -5.82 3.13 -1.09
C TYR B 341 -5.22 3.53 -2.43
N GLY B 342 -5.68 2.87 -3.49
CA GLY B 342 -5.20 3.19 -4.83
C GLY B 342 -5.66 4.57 -5.25
N ASN B 343 -6.90 4.91 -4.91
CA ASN B 343 -7.46 6.22 -5.24
C ASN B 343 -6.62 7.30 -4.56
N ASP B 344 -6.27 7.07 -3.30
CA ASP B 344 -5.47 8.02 -2.56
C ASP B 344 -4.12 8.22 -3.24
N HIS B 345 -3.53 7.12 -3.71
CA HIS B 345 -2.23 7.18 -4.39
C HIS B 345 -2.37 8.09 -5.61
N THR B 346 -3.43 7.89 -6.39
CA THR B 346 -3.67 8.71 -7.58
C THR B 346 -3.79 10.19 -7.23
N VAL B 347 -4.60 10.51 -6.23
CA VAL B 347 -4.80 11.91 -5.84
C VAL B 347 -3.52 12.59 -5.33
N ALA B 348 -2.81 11.93 -4.42
CA ALA B 348 -1.58 12.50 -3.87
C ALA B 348 -0.49 12.67 -4.93
N PHE B 349 -0.39 11.70 -5.83
CA PHE B 349 0.60 11.74 -6.92
C PHE B 349 0.28 12.97 -7.78
N ALA B 350 -0.97 13.06 -8.22
CA ALA B 350 -1.40 14.18 -9.04
C ALA B 350 -1.19 15.52 -8.33
N GLY B 351 -1.44 15.55 -7.02
CA GLY B 351 -1.29 16.78 -6.26
C GLY B 351 0.12 17.36 -6.24
N SER B 352 1.13 16.52 -6.44
CA SER B 352 2.51 16.99 -6.42
C SER B 352 2.96 17.46 -7.80
N GLN B 353 2.12 17.26 -8.81
CA GLN B 353 2.48 17.58 -10.19
C GLN B 353 2.01 18.91 -10.80
N GLY B 354 1.63 19.86 -9.96
CA GLY B 354 1.20 21.14 -10.49
C GLY B 354 2.39 21.88 -11.10
N ASN B 355 2.11 22.78 -12.05
CA ASN B 355 3.18 23.56 -12.68
C ASN B 355 2.75 25.02 -12.77
N PHE B 356 3.61 25.90 -12.26
CA PHE B 356 3.34 27.34 -12.29
C PHE B 356 1.97 27.72 -11.73
N GLN B 357 1.20 28.44 -12.55
CA GLN B 357 -0.11 28.92 -12.11
C GLN B 357 -1.29 27.96 -12.23
N LEU B 358 -1.05 26.70 -12.60
CA LEU B 358 -2.17 25.78 -12.72
C LEU B 358 -1.85 24.29 -12.64
N ASN B 359 -2.50 23.59 -11.71
CA ASN B 359 -2.32 22.15 -11.62
C ASN B 359 -3.31 21.61 -12.63
N VAL B 360 -2.82 20.85 -13.62
CA VAL B 360 -3.70 20.31 -14.63
C VAL B 360 -4.04 18.82 -14.51
N TYR B 361 -4.41 18.42 -13.30
CA TYR B 361 -4.83 17.05 -12.99
C TYR B 361 -6.15 17.12 -12.23
N LYS B 362 -6.82 18.26 -12.30
CA LYS B 362 -8.06 18.46 -11.54
C LYS B 362 -9.16 17.42 -11.69
N PRO B 363 -9.54 17.06 -12.93
CA PRO B 363 -10.61 16.06 -13.09
C PRO B 363 -10.34 14.73 -12.40
N VAL B 364 -9.16 14.15 -12.60
CA VAL B 364 -8.86 12.87 -11.99
C VAL B 364 -8.73 12.95 -10.46
N MET B 365 -8.24 14.07 -9.94
CA MET B 365 -8.12 14.22 -8.49
C MET B 365 -9.54 14.22 -7.90
N ALA B 366 -10.43 14.95 -8.54
CA ALA B 366 -11.81 15.02 -8.07
C ALA B 366 -12.50 13.66 -8.20
N TYR B 367 -12.34 13.02 -9.36
CA TYR B 367 -12.96 11.72 -9.61
C TYR B 367 -12.56 10.63 -8.62
N SER B 368 -11.26 10.47 -8.40
CA SER B 368 -10.80 9.43 -7.49
C SER B 368 -11.23 9.67 -6.05
N THR B 369 -11.37 10.93 -5.68
CA THR B 369 -11.81 11.23 -4.32
C THR B 369 -13.30 10.90 -4.18
N LEU B 370 -14.09 11.30 -5.18
CA LEU B 370 -15.53 11.03 -5.14
C LEU B 370 -15.79 9.52 -5.24
N GLU B 371 -15.00 8.82 -6.03
CA GLU B 371 -15.18 7.38 -6.14
C GLU B 371 -15.00 6.75 -4.77
N SER B 372 -13.94 7.18 -4.07
CA SER B 372 -13.66 6.65 -2.73
C SER B 372 -14.83 6.92 -1.78
N ILE B 373 -15.36 8.14 -1.82
CA ILE B 373 -16.47 8.51 -0.96
C ILE B 373 -17.70 7.63 -1.25
N ASN B 374 -18.05 7.49 -2.52
CA ASN B 374 -19.21 6.69 -2.89
C ASN B 374 -19.06 5.20 -2.62
N LEU B 375 -17.92 4.62 -2.95
CA LEU B 375 -17.72 3.20 -2.71
C LEU B 375 -17.70 2.90 -1.22
N LEU B 376 -17.04 3.74 -0.44
CA LEU B 376 -17.00 3.54 1.01
C LEU B 376 -18.40 3.69 1.60
N ALA B 377 -19.13 4.70 1.14
CA ALA B 377 -20.49 4.91 1.63
C ALA B 377 -21.33 3.67 1.32
N ASP B 378 -21.20 3.15 0.10
CA ASP B 378 -21.94 1.96 -0.31
C ASP B 378 -21.56 0.75 0.55
N ALA B 379 -20.26 0.49 0.62
CA ALA B 379 -19.74 -0.66 1.36
C ALA B 379 -20.00 -0.60 2.86
N VAL B 380 -19.81 0.56 3.47
CA VAL B 380 -20.04 0.70 4.91
C VAL B 380 -21.52 0.47 5.24
N ALA B 381 -22.40 1.03 4.41
CA ALA B 381 -23.84 0.86 4.64
C ALA B 381 -24.25 -0.60 4.49
N SER B 382 -23.67 -1.28 3.50
CA SER B 382 -23.96 -2.69 3.25
C SER B 382 -23.45 -3.56 4.40
N PHE B 383 -22.20 -3.31 4.79
CA PHE B 383 -21.57 -4.05 5.87
C PHE B 383 -22.37 -3.88 7.17
N ASP B 384 -22.86 -2.67 7.38
CA ASP B 384 -23.64 -2.35 8.57
C ASP B 384 -24.96 -3.10 8.61
N ALA B 385 -25.78 -2.90 7.58
CA ALA B 385 -27.08 -3.55 7.50
C ALA B 385 -27.06 -5.07 7.36
N HIS B 386 -26.12 -5.59 6.59
CA HIS B 386 -26.07 -7.02 6.34
C HIS B 386 -25.11 -7.88 7.17
N LEU B 387 -24.37 -7.27 8.10
CA LEU B 387 -23.47 -8.05 8.93
C LEU B 387 -23.34 -7.49 10.34
N ALA B 388 -22.83 -6.28 10.47
CA ALA B 388 -22.62 -5.64 11.76
C ALA B 388 -23.84 -5.70 12.69
N GLN B 389 -25.00 -5.30 12.20
CA GLN B 389 -26.22 -5.30 13.00
C GLN B 389 -26.62 -6.70 13.48
N GLY B 390 -26.16 -7.73 12.77
CA GLY B 390 -26.52 -9.09 13.15
C GLY B 390 -25.44 -9.86 13.90
N ILE B 391 -24.39 -9.18 14.32
CA ILE B 391 -23.31 -9.84 15.05
C ILE B 391 -23.81 -10.36 16.39
N GLU B 392 -23.49 -11.61 16.69
CA GLU B 392 -23.89 -12.24 17.94
C GLU B 392 -22.72 -13.03 18.50
N PRO B 393 -22.64 -13.17 19.82
CA PRO B 393 -21.54 -13.94 20.38
C PRO B 393 -21.83 -15.43 20.31
N ASN B 394 -20.77 -16.23 20.26
CA ASN B 394 -20.93 -17.67 20.28
C ASN B 394 -20.47 -18.00 21.69
N LEU B 395 -21.40 -17.88 22.63
CA LEU B 395 -21.12 -18.10 24.04
C LEU B 395 -20.39 -19.41 24.36
N GLU B 396 -20.79 -20.48 23.70
CA GLU B 396 -20.18 -21.79 23.93
C GLU B 396 -18.69 -21.79 23.57
N ARG B 397 -18.37 -21.24 22.40
CA ARG B 397 -16.99 -21.16 21.93
C ARG B 397 -16.16 -20.23 22.81
N ILE B 398 -16.71 -19.06 23.09
CA ILE B 398 -16.03 -18.08 23.93
C ILE B 398 -15.69 -18.70 25.28
N GLU B 399 -16.69 -19.34 25.89
CA GLU B 399 -16.52 -19.97 27.19
C GLU B 399 -15.48 -21.09 27.18
N GLU B 400 -15.55 -21.96 26.18
CA GLU B 400 -14.61 -23.07 26.09
C GLU B 400 -13.17 -22.59 26.02
N TYR B 401 -12.93 -21.51 25.29
CA TYR B 401 -11.59 -20.94 25.16
C TYR B 401 -11.13 -20.34 26.48
N LEU B 402 -11.99 -19.54 27.09
CA LEU B 402 -11.65 -18.86 28.33
C LEU B 402 -11.43 -19.80 29.51
N GLN B 403 -12.39 -20.69 29.75
CA GLN B 403 -12.32 -21.64 30.86
C GLN B 403 -11.17 -22.64 30.79
N LYS B 404 -10.68 -22.91 29.60
CA LYS B 404 -9.58 -23.85 29.43
C LYS B 404 -8.24 -23.15 29.25
N ASN B 405 -8.25 -21.82 29.35
CA ASN B 405 -7.03 -21.06 29.14
C ASN B 405 -6.25 -20.72 30.40
N PRO B 406 -4.91 -20.83 30.33
CA PRO B 406 -4.00 -20.54 31.44
C PRO B 406 -4.12 -19.12 31.97
N MET B 407 -4.67 -18.21 31.17
CA MET B 407 -4.79 -16.82 31.61
C MET B 407 -5.71 -16.62 32.82
N LEU B 408 -6.50 -17.64 33.16
CA LEU B 408 -7.39 -17.55 34.32
C LEU B 408 -6.75 -18.05 35.61
N ALA B 409 -5.56 -18.62 35.51
CA ALA B 409 -4.87 -19.17 36.67
C ALA B 409 -4.35 -18.13 37.66
N THR B 410 -4.29 -16.87 37.24
CA THR B 410 -3.79 -15.79 38.09
C THR B 410 -4.32 -15.81 39.52
N ALA B 411 -5.63 -15.82 39.68
CA ALA B 411 -6.24 -15.82 41.00
C ALA B 411 -5.86 -17.05 41.82
N LEU B 412 -5.66 -18.18 41.14
CA LEU B 412 -5.30 -19.42 41.82
C LEU B 412 -3.97 -19.33 42.56
N ASN B 413 -2.98 -18.74 41.90
CA ASN B 413 -1.64 -18.61 42.49
C ASN B 413 -1.65 -17.96 43.87
N LYS B 414 -2.48 -16.94 44.04
CA LYS B 414 -2.56 -16.25 45.33
C LYS B 414 -3.44 -16.99 46.33
N ALA B 415 -4.36 -17.81 45.82
CA ALA B 415 -5.27 -18.56 46.67
C ALA B 415 -4.70 -19.87 47.21
N ILE B 416 -4.05 -20.65 46.35
CA ILE B 416 -3.49 -21.93 46.76
C ILE B 416 -2.01 -22.09 46.45
N GLY B 417 -1.37 -21.01 46.00
CA GLY B 417 0.04 -21.08 45.68
C GLY B 417 0.29 -21.43 44.23
N TYR B 418 1.42 -20.98 43.70
CA TYR B 418 1.77 -21.24 42.31
C TYR B 418 1.93 -22.72 41.99
N ASP B 419 2.55 -23.45 42.90
CA ASP B 419 2.77 -24.89 42.71
C ASP B 419 1.50 -25.63 42.29
N LYS B 420 0.47 -25.52 43.13
CA LYS B 420 -0.80 -26.18 42.86
C LYS B 420 -1.47 -25.63 41.60
N ALA B 421 -1.47 -24.32 41.46
CA ALA B 421 -2.08 -23.66 40.31
C ALA B 421 -1.42 -24.13 39.01
N ALA B 422 -0.09 -24.19 39.01
CA ALA B 422 0.66 -24.63 37.84
C ALA B 422 0.28 -26.07 37.49
N GLU B 423 0.09 -26.88 38.52
CA GLU B 423 -0.26 -28.28 38.33
C GLU B 423 -1.67 -28.39 37.75
N ILE B 424 -2.57 -27.52 38.20
CA ILE B 424 -3.94 -27.51 37.71
C ILE B 424 -3.93 -27.19 36.22
N VAL B 425 -3.21 -26.14 35.85
CA VAL B 425 -3.11 -25.72 34.46
C VAL B 425 -2.50 -26.83 33.61
N LYS B 426 -1.41 -27.42 34.09
CA LYS B 426 -0.74 -28.49 33.36
C LYS B 426 -1.68 -29.67 33.11
N LYS B 427 -2.52 -29.97 34.09
CA LYS B 427 -3.47 -31.08 33.97
C LYS B 427 -4.55 -30.73 32.95
N ALA B 428 -5.13 -29.54 33.09
CA ALA B 428 -6.18 -29.08 32.19
C ALA B 428 -5.74 -29.12 30.73
N LEU B 429 -4.54 -28.62 30.46
CA LEU B 429 -4.02 -28.61 29.10
C LEU B 429 -3.74 -30.02 28.60
N LYS B 430 -3.18 -30.85 29.47
CA LYS B 430 -2.85 -32.23 29.13
C LYS B 430 -4.10 -33.05 28.82
N GLU B 431 -5.13 -32.89 29.64
CA GLU B 431 -6.38 -33.62 29.47
C GLU B 431 -7.44 -32.84 28.70
N LYS B 432 -7.05 -31.68 28.17
CA LYS B 432 -7.96 -30.85 27.41
C LYS B 432 -9.25 -30.56 28.20
N LYS B 433 -9.08 -30.13 29.44
CA LYS B 433 -10.22 -29.82 30.30
C LYS B 433 -10.11 -28.41 30.85
N THR B 434 -11.22 -27.92 31.42
CA THR B 434 -11.25 -26.58 31.99
C THR B 434 -10.45 -26.58 33.30
N LEU B 435 -9.91 -25.41 33.65
CA LEU B 435 -9.14 -25.30 34.89
C LEU B 435 -9.98 -25.72 36.09
N LYS B 436 -11.28 -25.46 36.02
CA LYS B 436 -12.19 -25.83 37.10
C LYS B 436 -12.27 -27.34 37.24
N GLN B 437 -12.42 -28.03 36.10
CA GLN B 437 -12.52 -29.47 36.09
C GLN B 437 -11.25 -30.09 36.67
N ALA B 438 -10.10 -29.66 36.16
CA ALA B 438 -8.81 -30.17 36.63
C ALA B 438 -8.64 -29.94 38.13
N ALA B 439 -8.98 -28.73 38.58
CA ALA B 439 -8.86 -28.38 39.99
C ALA B 439 -9.77 -29.25 40.84
N LEU B 440 -10.81 -29.78 40.22
CA LEU B 440 -11.77 -30.63 40.92
C LEU B 440 -11.26 -32.07 41.00
N GLU B 441 -10.75 -32.58 39.89
CA GLU B 441 -10.23 -33.94 39.84
C GLU B 441 -8.98 -34.10 40.70
N LEU B 442 -8.42 -32.97 41.14
CA LEU B 442 -7.23 -32.98 41.98
C LEU B 442 -7.60 -32.80 43.44
N GLY B 443 -8.81 -32.31 43.68
CA GLY B 443 -9.28 -32.11 45.04
C GLY B 443 -8.72 -30.85 45.68
N TYR B 444 -8.04 -30.03 44.89
CA TYR B 444 -7.46 -28.78 45.39
C TYR B 444 -8.53 -27.72 45.64
N LEU B 445 -9.59 -27.75 44.84
CA LEU B 445 -10.68 -26.81 44.97
C LEU B 445 -11.99 -27.42 44.49
N THR B 446 -13.06 -27.12 45.20
CA THR B 446 -14.38 -27.64 44.85
C THR B 446 -14.94 -26.79 43.71
N GLU B 447 -15.88 -27.35 42.97
CA GLU B 447 -16.50 -26.64 41.86
C GLU B 447 -17.22 -25.40 42.41
N GLU B 448 -17.15 -25.24 43.72
CA GLU B 448 -17.78 -24.10 44.41
C GLU B 448 -16.75 -23.03 44.75
N GLU B 449 -15.68 -23.46 45.42
CA GLU B 449 -14.61 -22.54 45.82
C GLU B 449 -13.95 -21.88 44.61
N PHE B 450 -13.82 -22.65 43.52
CA PHE B 450 -13.21 -22.15 42.30
C PHE B 450 -13.89 -20.88 41.80
N ASP B 451 -15.22 -20.94 41.67
CA ASP B 451 -15.99 -19.81 41.19
C ASP B 451 -15.89 -18.57 42.09
N ARG B 452 -15.47 -18.77 43.32
CA ARG B 452 -15.34 -17.66 44.26
C ARG B 452 -13.96 -17.02 44.14
N ILE B 453 -12.98 -17.81 43.73
CA ILE B 453 -11.61 -17.33 43.58
C ILE B 453 -11.32 -16.85 42.16
N VAL B 454 -11.79 -17.61 41.18
CA VAL B 454 -11.58 -17.26 39.77
C VAL B 454 -12.79 -16.54 39.19
N VAL B 455 -12.69 -15.22 39.10
CA VAL B 455 -13.76 -14.39 38.55
C VAL B 455 -13.19 -13.67 37.32
N PRO B 456 -13.43 -14.22 36.12
CA PRO B 456 -12.93 -13.64 34.87
C PRO B 456 -13.13 -12.13 34.71
N MET B 457 -14.29 -11.61 35.10
CA MET B 457 -14.56 -10.19 34.97
C MET B 457 -13.59 -9.32 35.76
N ARG B 458 -13.06 -9.84 36.85
CA ARG B 458 -12.11 -9.09 37.68
C ARG B 458 -10.81 -8.86 36.92
N LEU B 459 -10.55 -9.70 35.92
CA LEU B 459 -9.34 -9.57 35.11
C LEU B 459 -9.57 -8.60 33.95
N ALA B 460 -10.77 -8.67 33.37
CA ALA B 460 -11.14 -7.80 32.25
C ALA B 460 -11.41 -6.38 32.71
N LYS B 461 -11.88 -6.25 33.95
CA LYS B 461 -12.16 -4.94 34.54
C LYS B 461 -11.51 -4.95 35.92
N PRO B 462 -10.17 -4.88 35.95
CA PRO B 462 -9.34 -4.89 37.17
C PRO B 462 -9.50 -3.73 38.14
N HIS B 463 -10.05 -2.61 37.66
CA HIS B 463 -10.19 -1.44 38.50
C HIS B 463 -11.62 -1.19 38.97
#